data_4MJ3
#
_entry.id   4MJ3
#
_cell.length_a   84.220
_cell.length_b   79.079
_cell.length_c   95.761
_cell.angle_alpha   90.000
_cell.angle_beta   92.520
_cell.angle_gamma   90.000
#
_symmetry.space_group_name_H-M   'P 1 21 1'
#
loop_
_entity.id
_entity.type
_entity.pdbx_description
1 polymer 'Haloalkane dehalogenase'
2 non-polymer 'CHLORIDE ION'
3 non-polymer 'POTASSIUM ION'
4 water water
#
_entity_poly.entity_id   1
_entity_poly.type   'polypeptide(L)'
_entity_poly.pdbx_seq_one_letter_code
;(MSE)DVLRTPDERFTALPDFPFAPRYVEVDSGDGGTLR(MSE)HYLDEGRSDGEVVLLLHGEPSWSYLYRW(MSE)IPV
LVEAGLRAVAIDLVGFGRSDKPTSRDDYTYQAHVDW(MSE)WAAIEEIGLADVTLVCQDWGGLIGLRLVGEHPDRFARVV
AANT(MSE)LPTGDHHPGEAFLAWQKFSQEVPLFPAGQIVNGGSLSTLSAETIAAYDAPFPDASYQAGARQFP(MSE)LV
PISPDDPATPANRKAWAALGRFEKPFLSAFSDSDPITGAAEPVLRGHVPGARGQSHVTIAGAGHFLQEDKGRELAEAVVT
FVRANPRAELNSSSVDKLAAALEHHHHHH
;
_entity_poly.pdbx_strand_id   A,B,C,D
#
# COMPACT_ATOMS: atom_id res chain seq x y z
N ASP A 2 9.63 -8.69 -8.46
CA ASP A 2 10.25 -8.28 -7.22
C ASP A 2 10.26 -9.45 -6.26
N VAL A 3 11.34 -9.58 -5.49
CA VAL A 3 11.61 -10.81 -4.71
C VAL A 3 12.22 -10.46 -3.37
N LEU A 4 11.70 -11.07 -2.34
CA LEU A 4 12.24 -10.97 -0.99
C LEU A 4 12.99 -12.24 -0.60
N ARG A 5 13.94 -12.08 0.31
CA ARG A 5 14.66 -13.20 0.92
C ARG A 5 14.54 -13.11 2.44
N THR A 6 14.12 -14.20 3.06
CA THR A 6 13.88 -14.21 4.51
C THR A 6 15.24 -14.13 5.19
N PRO A 7 15.39 -13.20 6.14
CA PRO A 7 16.70 -13.13 6.82
C PRO A 7 17.13 -14.44 7.49
N ASP A 8 18.40 -14.78 7.42
CA ASP A 8 18.93 -16.02 8.01
C ASP A 8 18.72 -16.12 9.50
N GLU A 9 18.66 -14.98 10.19
CA GLU A 9 18.41 -14.97 11.64
C GLU A 9 17.08 -15.64 12.00
N ARG A 10 16.13 -15.71 11.07
CA ARG A 10 14.86 -16.38 11.35
C ARG A 10 15.01 -17.87 11.57
N PHE A 11 16.11 -18.45 11.09
CA PHE A 11 16.26 -19.92 11.08
C PHE A 11 17.27 -20.43 12.10
N THR A 12 17.61 -19.57 13.06
CA THR A 12 18.59 -19.93 14.10
C THR A 12 17.99 -20.96 15.07
N ALA A 13 18.74 -22.02 15.31
CA ALA A 13 18.41 -23.02 16.33
C ALA A 13 16.99 -23.65 16.23
N LEU A 14 16.56 -24.02 15.02
CA LEU A 14 15.30 -24.74 14.88
C LEU A 14 15.44 -26.17 15.40
N PRO A 15 14.50 -26.64 16.24
CA PRO A 15 14.73 -27.93 16.89
C PRO A 15 14.64 -29.09 15.93
N ASP A 16 15.45 -30.11 16.18
CA ASP A 16 15.38 -31.37 15.46
C ASP A 16 15.62 -31.21 13.95
N PHE A 17 16.48 -30.26 13.59
CA PHE A 17 16.71 -29.93 12.19
C PHE A 17 18.18 -29.55 11.98
N PRO A 18 19.10 -30.51 12.18
CA PRO A 18 20.53 -30.26 12.06
C PRO A 18 21.03 -30.53 10.65
N PHE A 19 20.36 -29.94 9.66
CA PHE A 19 20.68 -30.19 8.26
C PHE A 19 21.15 -28.89 7.63
N ALA A 20 22.35 -28.91 7.04
CA ALA A 20 22.96 -27.70 6.50
C ALA A 20 22.15 -27.20 5.31
N PRO A 21 21.93 -25.88 5.23
CA PRO A 21 21.24 -25.32 4.05
C PRO A 21 22.12 -25.38 2.81
N ARG A 22 21.53 -25.85 1.72
CA ARG A 22 22.16 -25.82 0.41
C ARG A 22 21.25 -25.02 -0.50
N TYR A 23 21.84 -24.49 -1.56
CA TYR A 23 21.12 -23.62 -2.45
C TYR A 23 21.45 -23.87 -3.91
N VAL A 24 20.45 -23.67 -4.76
CA VAL A 24 20.63 -23.60 -6.21
C VAL A 24 19.95 -22.34 -6.72
N GLU A 25 20.35 -21.88 -7.89
CA GLU A 25 19.71 -20.73 -8.53
C GLU A 25 18.98 -21.18 -9.76
N VAL A 26 17.79 -20.62 -9.97
CA VAL A 26 16.97 -20.91 -11.14
C VAL A 26 16.50 -19.62 -11.76
N ASP A 27 16.11 -19.68 -13.04
CA ASP A 27 15.56 -18.54 -13.74
C ASP A 27 14.23 -18.15 -13.10
N SER A 28 14.04 -16.84 -12.91
CA SER A 28 12.78 -16.36 -12.35
C SER A 28 11.62 -16.52 -13.31
N GLY A 29 11.92 -16.47 -14.61
CA GLY A 29 10.91 -16.51 -15.65
C GLY A 29 10.71 -15.18 -16.35
N ASP A 30 11.23 -14.10 -15.77
CA ASP A 30 11.11 -12.81 -16.41
C ASP A 30 12.44 -12.06 -16.44
N GLY A 31 13.52 -12.83 -16.52
CA GLY A 31 14.84 -12.25 -16.79
C GLY A 31 15.78 -12.19 -15.61
N GLY A 32 15.29 -12.55 -14.42
CA GLY A 32 16.13 -12.58 -13.22
C GLY A 32 16.36 -14.00 -12.72
N THR A 33 16.79 -14.11 -11.46
CA THR A 33 17.18 -15.37 -10.85
C THR A 33 16.57 -15.47 -9.46
N LEU A 34 16.21 -16.68 -9.06
CA LEU A 34 15.72 -16.96 -7.71
C LEU A 34 16.58 -18.02 -7.06
N ARG A 35 16.86 -17.88 -5.78
CA ARG A 35 17.54 -18.89 -5.03
C ARG A 35 16.54 -19.82 -4.38
N HIS A 37 16.26 -23.18 -1.67
CA HIS A 37 16.92 -23.91 -0.62
C HIS A 37 16.59 -25.40 -0.73
N TYR A 38 17.59 -26.23 -0.46
CA TYR A 38 17.36 -27.67 -0.32
C TYR A 38 18.29 -28.30 0.72
N LEU A 39 17.91 -29.49 1.15
CA LEU A 39 18.72 -30.34 2.03
C LEU A 39 19.17 -31.54 1.22
N ASP A 40 20.38 -32.03 1.52
CA ASP A 40 20.94 -33.18 0.83
C ASP A 40 21.69 -33.98 1.89
N GLU A 41 21.15 -35.12 2.28
CA GLU A 41 21.67 -35.86 3.43
C GLU A 41 21.79 -37.32 3.11
N GLY A 42 22.77 -37.97 3.74
CA GLY A 42 23.02 -39.40 3.52
C GLY A 42 24.10 -39.64 2.50
N ARG A 43 24.38 -40.92 2.27
CA ARG A 43 25.51 -41.32 1.43
C ARG A 43 25.36 -40.71 0.05
N SER A 44 26.45 -40.14 -0.46
CA SER A 44 26.43 -39.41 -1.72
C SER A 44 26.04 -40.28 -2.91
N ASP A 45 26.31 -41.58 -2.80
CA ASP A 45 25.97 -42.55 -3.84
C ASP A 45 24.68 -43.32 -3.53
N GLY A 46 23.90 -42.85 -2.57
CA GLY A 46 22.69 -43.56 -2.19
C GLY A 46 21.59 -43.33 -3.20
N GLU A 47 20.62 -44.23 -3.26
CA GLU A 47 19.44 -43.97 -4.10
C GLU A 47 18.73 -42.74 -3.57
N VAL A 48 18.33 -41.88 -4.49
CA VAL A 48 17.78 -40.59 -4.13
C VAL A 48 16.30 -40.75 -3.76
N VAL A 49 15.94 -40.19 -2.61
CA VAL A 49 14.55 -40.02 -2.22
C VAL A 49 14.28 -38.52 -2.18
N LEU A 50 13.42 -38.05 -3.05
CA LEU A 50 13.11 -36.62 -3.14
C LEU A 50 11.85 -36.33 -2.38
N LEU A 51 11.97 -35.46 -1.38
CA LEU A 51 10.88 -35.17 -0.45
C LEU A 51 10.31 -33.79 -0.72
N LEU A 52 9.08 -33.73 -1.23
CA LEU A 52 8.47 -32.46 -1.59
C LEU A 52 7.31 -32.11 -0.68
N HIS A 53 7.39 -30.91 -0.12
CA HIS A 53 6.40 -30.36 0.77
C HIS A 53 5.44 -29.51 -0.04
N GLY A 54 4.33 -29.15 0.61
CA GLY A 54 3.35 -28.28 0.00
C GLY A 54 3.03 -27.05 0.83
N GLU A 55 1.76 -26.69 0.77
CA GLU A 55 1.24 -25.48 1.39
C GLU A 55 0.91 -25.71 2.87
N PRO A 56 1.20 -24.74 3.75
CA PRO A 56 2.12 -23.61 3.69
C PRO A 56 3.36 -24.03 4.49
N SER A 57 3.91 -25.19 4.16
CA SER A 57 5.00 -25.77 4.95
C SER A 57 6.35 -25.52 4.26
N TRP A 58 7.38 -26.24 4.70
CA TRP A 58 8.65 -26.27 4.02
C TRP A 58 9.37 -27.55 4.41
N SER A 59 10.65 -27.69 4.03
CA SER A 59 11.38 -28.94 4.25
C SER A 59 11.51 -29.37 5.71
N TYR A 60 11.30 -28.42 6.63
CA TYR A 60 11.17 -28.71 8.06
C TYR A 60 10.16 -29.82 8.35
N LEU A 61 9.10 -29.90 7.54
CA LEU A 61 8.09 -30.95 7.64
C LEU A 61 8.64 -32.37 7.55
N TYR A 62 9.77 -32.54 6.85
CA TYR A 62 10.38 -33.85 6.61
C TYR A 62 11.44 -34.21 7.66
N ARG A 63 11.57 -33.40 8.71
CA ARG A 63 12.67 -33.61 9.67
C ARG A 63 12.65 -34.95 10.40
N TRP A 64 11.48 -35.51 10.64
CA TRP A 64 11.42 -36.83 11.28
C TRP A 64 11.71 -38.00 10.32
N ILE A 66 13.83 -37.78 7.46
CA ILE A 66 15.19 -37.78 6.94
C ILE A 66 16.14 -38.76 7.66
N PRO A 67 16.21 -38.75 9.01
CA PRO A 67 17.13 -39.67 9.67
C PRO A 67 16.86 -41.15 9.41
N VAL A 68 15.60 -41.52 9.27
CA VAL A 68 15.20 -42.91 8.95
C VAL A 68 15.71 -43.29 7.55
N LEU A 69 15.53 -42.41 6.60
CA LEU A 69 15.96 -42.65 5.22
C LEU A 69 17.48 -42.77 5.17
N VAL A 70 18.18 -41.87 5.85
CA VAL A 70 19.64 -41.87 5.89
C VAL A 70 20.19 -43.13 6.55
N GLU A 71 19.60 -43.53 7.67
CA GLU A 71 20.05 -44.75 8.36
C GLU A 71 19.86 -45.99 7.50
N ALA A 72 18.84 -45.96 6.64
CA ALA A 72 18.57 -47.05 5.70
C ALA A 72 19.50 -47.07 4.50
N GLY A 73 20.40 -46.09 4.40
CA GLY A 73 21.38 -46.06 3.32
C GLY A 73 20.93 -45.29 2.08
N LEU A 74 19.84 -44.55 2.22
CA LEU A 74 19.30 -43.74 1.11
C LEU A 74 19.82 -42.32 1.21
N ARG A 75 19.73 -41.60 0.09
CA ARG A 75 20.08 -40.19 0.04
C ARG A 75 18.78 -39.37 0.02
N ALA A 76 18.59 -38.57 1.06
CA ALA A 76 17.38 -37.79 1.20
C ALA A 76 17.64 -36.36 0.71
N VAL A 77 16.83 -35.94 -0.23
CA VAL A 77 16.89 -34.59 -0.77
C VAL A 77 15.52 -33.96 -0.59
N ALA A 78 15.47 -32.77 0.03
CA ALA A 78 14.21 -32.07 0.25
C ALA A 78 14.37 -30.65 -0.26
N ILE A 79 13.41 -30.17 -1.07
CA ILE A 79 13.58 -28.86 -1.71
C ILE A 79 12.43 -27.95 -1.28
N ASP A 80 12.75 -26.71 -0.91
CA ASP A 80 11.74 -25.72 -0.59
C ASP A 80 11.18 -25.03 -1.84
N LEU A 81 9.87 -25.06 -1.99
CA LEU A 81 9.21 -24.36 -3.09
C LEU A 81 9.51 -22.87 -3.03
N VAL A 82 9.52 -22.24 -4.19
CA VAL A 82 9.61 -20.78 -4.29
C VAL A 82 8.42 -20.24 -3.51
N GLY A 83 8.68 -19.23 -2.68
CA GLY A 83 7.65 -18.68 -1.80
C GLY A 83 7.67 -19.24 -0.39
N PHE A 84 8.50 -20.25 -0.12
CA PHE A 84 8.42 -21.03 1.13
C PHE A 84 9.79 -21.31 1.73
N GLY A 85 9.80 -21.61 3.02
CA GLY A 85 11.00 -22.09 3.66
C GLY A 85 12.12 -21.09 3.55
N ARG A 86 13.30 -21.58 3.16
CA ARG A 86 14.47 -20.75 2.96
C ARG A 86 14.69 -20.36 1.48
N SER A 87 13.71 -20.65 0.62
CA SER A 87 13.77 -20.21 -0.77
C SER A 87 13.33 -18.75 -0.91
N ASP A 88 13.76 -18.13 -1.99
CA ASP A 88 13.35 -16.75 -2.29
C ASP A 88 11.85 -16.66 -2.54
N LYS A 89 11.31 -15.45 -2.39
CA LYS A 89 9.87 -15.24 -2.27
C LYS A 89 9.42 -14.02 -3.08
N PRO A 90 9.02 -14.27 -4.34
CA PRO A 90 8.37 -13.25 -5.13
C PRO A 90 7.27 -12.54 -4.32
N THR A 91 7.12 -11.23 -4.53
CA THR A 91 6.23 -10.43 -3.70
C THR A 91 4.80 -10.32 -4.20
N SER A 92 4.56 -10.66 -5.46
CA SER A 92 3.21 -10.52 -6.03
C SER A 92 2.55 -11.87 -6.13
N ARG A 93 1.28 -11.94 -5.76
CA ARG A 93 0.51 -13.18 -5.93
C ARG A 93 0.48 -13.64 -7.38
N ASP A 94 0.49 -12.69 -8.31
CA ASP A 94 0.47 -13.00 -9.74
C ASP A 94 1.75 -13.64 -10.25
N ASP A 95 2.83 -13.61 -9.47
CA ASP A 95 4.09 -14.26 -9.82
C ASP A 95 3.97 -15.79 -9.65
N TYR A 96 2.98 -16.24 -8.88
CA TYR A 96 2.84 -17.65 -8.57
C TYR A 96 1.74 -18.26 -9.43
N THR A 97 2.11 -19.25 -10.21
CA THR A 97 1.16 -20.03 -11.02
C THR A 97 1.58 -21.49 -10.94
N TYR A 98 0.67 -22.38 -11.31
CA TYR A 98 0.97 -23.82 -11.28
C TYR A 98 2.16 -24.08 -12.21
N GLN A 99 2.11 -23.48 -13.41
CA GLN A 99 3.19 -23.61 -14.39
C GLN A 99 4.53 -23.13 -13.85
N ALA A 100 4.53 -21.99 -13.16
CA ALA A 100 5.75 -21.43 -12.65
C ALA A 100 6.38 -22.36 -11.60
N HIS A 101 5.55 -22.91 -10.73
CA HIS A 101 6.07 -23.81 -9.68
C HIS A 101 6.67 -25.09 -10.28
N VAL A 102 5.99 -25.61 -11.29
CA VAL A 102 6.46 -26.77 -12.03
C VAL A 102 7.81 -26.46 -12.66
N ASP A 103 7.93 -25.31 -13.32
CA ASP A 103 9.17 -24.95 -14.00
C ASP A 103 10.30 -24.69 -12.99
N TRP A 104 9.98 -24.02 -11.90
CA TRP A 104 10.98 -23.74 -10.86
C TRP A 104 11.47 -25.03 -10.21
N TRP A 106 11.37 -28.16 -11.44
CA TRP A 106 12.13 -28.92 -12.42
C TRP A 106 13.53 -28.35 -12.56
N ALA A 107 13.63 -27.02 -12.64
CA ALA A 107 14.95 -26.38 -12.74
C ALA A 107 15.84 -26.70 -11.54
N ALA A 108 15.25 -26.72 -10.34
CA ALA A 108 15.98 -27.10 -9.14
C ALA A 108 16.50 -28.54 -9.18
N ILE A 109 15.62 -29.46 -9.55
CA ILE A 109 16.00 -30.87 -9.69
C ILE A 109 17.16 -31.01 -10.69
N GLU A 110 17.05 -30.35 -11.84
CA GLU A 110 18.06 -30.40 -12.87
C GLU A 110 19.40 -29.81 -12.40
N GLU A 111 19.34 -28.70 -11.68
CA GLU A 111 20.54 -28.00 -11.23
C GLU A 111 21.26 -28.82 -10.14
N ILE A 112 20.49 -29.42 -9.24
CA ILE A 112 21.06 -30.33 -8.25
C ILE A 112 21.64 -31.58 -8.92
N GLY A 113 21.01 -32.03 -9.99
CA GLY A 113 21.52 -33.13 -10.82
C GLY A 113 21.04 -34.49 -10.38
N LEU A 114 19.79 -34.56 -9.95
CA LEU A 114 19.23 -35.80 -9.43
C LEU A 114 18.83 -36.76 -10.56
N ALA A 115 19.05 -38.06 -10.33
CA ALA A 115 18.69 -39.11 -11.27
C ALA A 115 17.99 -40.27 -10.57
N ASP A 116 17.16 -41.00 -11.32
CA ASP A 116 16.54 -42.24 -10.84
C ASP A 116 15.91 -42.02 -9.46
N VAL A 117 15.04 -41.02 -9.43
CA VAL A 117 14.51 -40.48 -8.18
C VAL A 117 13.32 -41.28 -7.64
N THR A 118 13.30 -41.48 -6.33
CA THR A 118 12.09 -41.94 -5.62
C THR A 118 11.40 -40.71 -5.03
N LEU A 119 10.30 -40.31 -5.66
CA LEU A 119 9.56 -39.15 -5.21
C LEU A 119 8.68 -39.52 -4.04
N VAL A 120 8.73 -38.70 -2.99
CA VAL A 120 7.76 -38.79 -1.89
C VAL A 120 7.09 -37.42 -1.83
N CYS A 121 5.77 -37.40 -1.97
CA CYS A 121 5.09 -36.13 -2.13
C CYS A 121 3.76 -36.07 -1.36
N GLN A 122 3.43 -34.85 -0.91
CA GLN A 122 2.26 -34.59 -0.09
C GLN A 122 1.74 -33.20 -0.43
N ASP A 123 0.41 -33.00 -0.39
CA ASP A 123 -0.19 -31.68 -0.63
C ASP A 123 0.34 -31.16 -1.99
N TRP A 124 0.68 -29.87 -2.07
CA TRP A 124 1.20 -29.29 -3.31
C TRP A 124 2.53 -29.91 -3.76
N GLY A 125 3.28 -30.54 -2.85
CA GLY A 125 4.44 -31.32 -3.24
C GLY A 125 4.08 -32.35 -4.30
N GLY A 126 2.90 -32.95 -4.17
CA GLY A 126 2.40 -33.89 -5.17
C GLY A 126 1.69 -33.24 -6.34
N LEU A 127 0.94 -32.18 -6.14
CA LEU A 127 0.34 -31.48 -7.30
C LEU A 127 1.44 -31.09 -8.28
N ILE A 128 2.59 -30.67 -7.74
CA ILE A 128 3.75 -30.33 -8.57
C ILE A 128 4.53 -31.57 -8.97
N GLY A 129 4.85 -32.40 -7.99
CA GLY A 129 5.66 -33.59 -8.21
C GLY A 129 5.03 -34.60 -9.16
N LEU A 130 3.74 -34.89 -9.01
CA LEU A 130 3.08 -35.86 -9.89
C LEU A 130 2.97 -35.32 -11.32
N ARG A 131 2.81 -34.01 -11.48
CA ARG A 131 2.86 -33.41 -12.79
C ARG A 131 4.26 -33.60 -13.41
N LEU A 132 5.30 -33.44 -12.61
CA LEU A 132 6.67 -33.66 -13.08
C LEU A 132 6.89 -35.13 -13.47
N VAL A 133 6.27 -36.06 -12.76
CA VAL A 133 6.38 -37.48 -13.13
C VAL A 133 5.75 -37.67 -14.51
N GLY A 134 4.59 -37.06 -14.72
CA GLY A 134 3.91 -37.13 -16.01
C GLY A 134 4.73 -36.52 -17.14
N GLU A 135 5.40 -35.41 -16.87
CA GLU A 135 6.16 -34.68 -17.88
C GLU A 135 7.59 -35.21 -18.09
N HIS A 136 8.16 -35.88 -17.10
CA HIS A 136 9.52 -36.40 -17.18
C HIS A 136 9.59 -37.78 -16.52
N PRO A 137 8.81 -38.75 -17.02
CA PRO A 137 8.76 -40.05 -16.34
C PRO A 137 10.11 -40.78 -16.21
N ASP A 138 11.02 -40.56 -17.17
CA ASP A 138 12.33 -41.19 -17.13
C ASP A 138 13.18 -40.76 -15.94
N ARG A 139 12.87 -39.62 -15.33
CA ARG A 139 13.63 -39.13 -14.17
C ARG A 139 13.29 -39.88 -12.87
N PHE A 140 12.11 -40.51 -12.83
CA PHE A 140 11.57 -41.09 -11.59
C PHE A 140 11.58 -42.61 -11.61
N ALA A 141 12.36 -43.21 -10.72
CA ALA A 141 12.40 -44.65 -10.58
C ALA A 141 11.15 -45.18 -9.88
N ARG A 142 10.66 -44.44 -8.89
CA ARG A 142 9.51 -44.85 -8.06
C ARG A 142 8.80 -43.61 -7.55
N VAL A 143 7.53 -43.79 -7.15
CA VAL A 143 6.73 -42.69 -6.61
C VAL A 143 5.95 -43.15 -5.38
N VAL A 144 6.01 -42.35 -4.32
CA VAL A 144 5.17 -42.51 -3.13
C VAL A 144 4.27 -41.28 -3.04
N ALA A 145 2.97 -41.49 -3.10
CA ALA A 145 1.99 -40.42 -2.95
C ALA A 145 1.33 -40.54 -1.59
N ALA A 146 1.32 -39.44 -0.85
CA ALA A 146 0.73 -39.42 0.48
C ALA A 146 -0.06 -38.13 0.68
N ASN A 147 -1.39 -38.26 0.78
CA ASN A 147 -2.25 -37.10 1.03
C ASN A 147 -2.01 -36.03 0.00
N THR A 148 -2.28 -36.40 -1.25
CA THR A 148 -2.06 -35.52 -2.38
C THR A 148 -2.96 -35.95 -3.52
N LEU A 150 -3.54 -35.13 -8.24
CA LEU A 150 -3.22 -34.38 -9.45
C LEU A 150 -4.53 -33.96 -10.10
N PRO A 151 -5.12 -32.87 -9.63
CA PRO A 151 -6.43 -32.47 -10.18
C PRO A 151 -6.30 -31.80 -11.54
N THR A 152 -7.24 -32.07 -12.41
CA THR A 152 -7.27 -31.43 -13.72
C THR A 152 -8.23 -30.25 -13.77
N GLY A 153 -9.10 -30.15 -12.77
CA GLY A 153 -10.21 -29.21 -12.76
C GLY A 153 -11.52 -29.83 -13.21
N ASP A 154 -11.48 -31.10 -13.57
CA ASP A 154 -12.67 -31.78 -14.07
C ASP A 154 -13.58 -32.34 -13.00
N HIS A 155 -13.09 -32.46 -11.75
CA HIS A 155 -13.85 -33.03 -10.65
C HIS A 155 -13.93 -32.07 -9.46
N HIS A 156 -15.06 -32.08 -8.76
CA HIS A 156 -15.28 -31.25 -7.57
C HIS A 156 -14.23 -31.63 -6.53
N PRO A 157 -13.56 -30.64 -5.90
CA PRO A 157 -12.46 -30.93 -4.98
C PRO A 157 -12.90 -31.41 -3.59
N GLY A 158 -14.18 -31.26 -3.28
CA GLY A 158 -14.75 -31.66 -2.01
C GLY A 158 -14.91 -30.46 -1.08
N GLU A 159 -15.85 -30.57 -0.14
CA GLU A 159 -16.14 -29.48 0.79
C GLU A 159 -14.99 -29.17 1.72
N ALA A 160 -14.19 -30.19 2.07
CA ALA A 160 -13.08 -29.97 2.99
C ALA A 160 -12.03 -29.05 2.36
N PHE A 161 -11.69 -29.31 1.10
CA PHE A 161 -10.80 -28.38 0.41
C PHE A 161 -11.38 -26.98 0.32
N LEU A 162 -12.67 -26.86 -0.05
CA LEU A 162 -13.27 -25.52 -0.17
C LEU A 162 -13.26 -24.71 1.14
N ALA A 163 -13.43 -25.40 2.26
CA ALA A 163 -13.39 -24.72 3.56
C ALA A 163 -11.99 -24.19 3.85
N TRP A 164 -10.99 -25.00 3.53
CA TRP A 164 -9.58 -24.56 3.66
C TRP A 164 -9.33 -23.38 2.71
N GLN A 165 -9.76 -23.51 1.46
CA GLN A 165 -9.52 -22.44 0.50
C GLN A 165 -10.08 -21.11 0.99
N LYS A 166 -11.34 -21.11 1.42
CA LYS A 166 -11.99 -19.91 1.95
C LYS A 166 -11.24 -19.32 3.15
N PHE A 167 -10.86 -20.16 4.11
CA PHE A 167 -10.09 -19.70 5.28
C PHE A 167 -8.79 -19.03 4.83
N SER A 168 -8.12 -19.66 3.85
CA SER A 168 -6.79 -19.18 3.45
C SER A 168 -6.85 -17.76 2.89
N GLN A 169 -7.99 -17.39 2.29
CA GLN A 169 -8.19 -16.08 1.73
C GLN A 169 -8.76 -15.09 2.75
N GLU A 170 -9.64 -15.57 3.61
CA GLU A 170 -10.36 -14.68 4.53
C GLU A 170 -9.60 -14.33 5.81
N VAL A 171 -8.72 -15.21 6.26
CA VAL A 171 -8.12 -14.99 7.57
C VAL A 171 -7.29 -13.69 7.52
N PRO A 172 -7.48 -12.80 8.51
CA PRO A 172 -6.76 -11.51 8.42
C PRO A 172 -5.27 -11.65 8.45
N LEU A 173 -4.76 -12.48 9.37
CA LEU A 173 -3.33 -12.77 9.47
C LEU A 173 -3.11 -14.26 9.18
N PHE A 174 -2.20 -14.57 8.28
CA PHE A 174 -2.01 -15.94 7.82
C PHE A 174 -1.00 -16.63 8.72
N PRO A 175 -1.43 -17.59 9.56
CA PRO A 175 -0.53 -18.18 10.58
C PRO A 175 -0.07 -19.57 10.13
N ALA A 176 1.05 -19.61 9.42
CA ALA A 176 1.44 -20.86 8.75
C ALA A 176 1.58 -22.02 9.75
N GLY A 177 2.21 -21.76 10.88
CA GLY A 177 2.41 -22.79 11.89
C GLY A 177 1.11 -23.31 12.47
N GLN A 178 0.19 -22.41 12.79
CA GLN A 178 -1.10 -22.86 13.28
C GLN A 178 -1.93 -23.57 12.21
N ILE A 179 -1.70 -23.25 10.93
CA ILE A 179 -2.35 -24.00 9.85
C ILE A 179 -1.85 -25.43 9.83
N VAL A 180 -0.53 -25.62 9.98
CA VAL A 180 0.02 -26.97 10.01
C VAL A 180 -0.51 -27.72 11.23
N ASN A 181 -0.53 -27.06 12.39
CA ASN A 181 -1.17 -27.65 13.57
C ASN A 181 -2.63 -28.03 13.33
N GLY A 182 -3.33 -27.18 12.59
CA GLY A 182 -4.72 -27.41 12.24
C GLY A 182 -4.93 -28.70 11.48
N GLY A 183 -3.93 -29.08 10.66
CA GLY A 183 -4.02 -30.27 9.84
C GLY A 183 -3.25 -31.46 10.37
N SER A 184 -2.90 -31.41 11.67
CA SER A 184 -2.20 -32.50 12.34
C SER A 184 -3.07 -32.99 13.52
N LEU A 185 -3.04 -34.29 13.79
CA LEU A 185 -3.71 -34.82 15.00
C LEU A 185 -2.89 -34.56 16.26
N SER A 186 -1.58 -34.53 16.14
CA SER A 186 -0.76 -34.24 17.30
C SER A 186 -0.81 -32.74 17.61
N THR A 187 -0.56 -32.37 18.85
CA THR A 187 -0.45 -30.96 19.21
C THR A 187 0.98 -30.51 18.98
N LEU A 188 1.19 -29.62 18.01
CA LEU A 188 2.53 -29.15 17.70
C LEU A 188 3.00 -28.24 18.82
N SER A 189 4.27 -28.30 19.15
CA SER A 189 4.80 -27.47 20.20
C SER A 189 4.91 -26.03 19.72
N ALA A 190 5.05 -25.11 20.68
CA ALA A 190 5.25 -23.73 20.35
C ALA A 190 6.49 -23.53 19.44
N GLU A 191 7.58 -24.26 19.72
CA GLU A 191 8.79 -24.17 18.90
C GLU A 191 8.58 -24.67 17.46
N THR A 192 7.74 -25.70 17.29
CA THR A 192 7.43 -26.24 15.95
C THR A 192 6.60 -25.22 15.17
N ILE A 193 5.59 -24.65 15.82
CA ILE A 193 4.78 -23.59 15.22
C ILE A 193 5.70 -22.46 14.76
N ALA A 194 6.63 -22.07 15.61
CA ALA A 194 7.57 -20.99 15.29
C ALA A 194 8.45 -21.33 14.08
N ALA A 195 8.80 -22.61 13.94
CA ALA A 195 9.63 -23.06 12.80
C ALA A 195 8.88 -22.89 11.50
N TYR A 196 7.56 -23.09 11.53
CA TYR A 196 6.75 -22.89 10.34
C TYR A 196 6.45 -21.43 10.06
N ASP A 197 6.51 -20.59 11.08
CA ASP A 197 6.38 -19.15 10.92
C ASP A 197 7.69 -18.47 10.53
N ALA A 198 8.81 -19.15 10.75
CA ALA A 198 10.14 -18.57 10.50
C ALA A 198 10.32 -17.99 9.10
N PRO A 199 9.80 -18.67 8.05
CA PRO A 199 9.94 -18.08 6.71
C PRO A 199 9.23 -16.75 6.48
N PHE A 200 8.29 -16.40 7.34
CA PHE A 200 7.33 -15.32 7.06
C PHE A 200 7.32 -14.23 8.17
N PRO A 201 8.37 -13.38 8.21
CA PRO A 201 8.41 -12.33 9.24
C PRO A 201 7.19 -11.42 9.23
N ASP A 202 6.59 -11.23 8.06
CA ASP A 202 5.35 -10.51 7.95
C ASP A 202 4.64 -10.88 6.65
N ALA A 203 3.51 -10.24 6.40
CA ALA A 203 2.65 -10.60 5.26
C ALA A 203 3.30 -10.39 3.91
N SER A 204 4.32 -9.51 3.83
CA SER A 204 4.96 -9.22 2.55
C SER A 204 5.69 -10.45 1.99
N TYR A 205 6.02 -11.39 2.87
CA TYR A 205 6.70 -12.63 2.51
C TYR A 205 5.72 -13.78 2.16
N GLN A 206 4.41 -13.52 2.22
CA GLN A 206 3.43 -14.60 2.18
C GLN A 206 2.60 -14.67 0.88
N ALA A 207 3.01 -13.98 -0.17
CA ALA A 207 2.24 -13.97 -1.40
C ALA A 207 2.07 -15.38 -1.97
N GLY A 208 3.12 -16.20 -1.88
CA GLY A 208 3.07 -17.58 -2.38
C GLY A 208 2.12 -18.42 -1.54
N ALA A 209 2.20 -18.22 -0.22
CA ALA A 209 1.31 -18.93 0.71
C ALA A 209 -0.18 -18.52 0.53
N ARG A 210 -0.45 -17.24 0.27
CA ARG A 210 -1.83 -16.81 0.01
C ARG A 210 -2.35 -17.30 -1.34
N GLN A 211 -1.49 -17.36 -2.35
CA GLN A 211 -1.93 -17.68 -3.69
C GLN A 211 -2.16 -19.18 -3.89
N PHE A 212 -1.43 -20.04 -3.19
CA PHE A 212 -1.48 -21.48 -3.50
C PHE A 212 -2.87 -22.06 -3.59
N PRO A 213 -3.73 -21.78 -2.61
CA PRO A 213 -5.07 -22.39 -2.66
C PRO A 213 -5.91 -21.95 -3.86
N LEU A 215 -4.67 -21.65 -6.81
CA LEU A 215 -4.07 -22.33 -7.97
C LEU A 215 -4.56 -23.76 -8.14
N VAL A 216 -5.31 -24.27 -7.16
CA VAL A 216 -5.79 -25.66 -7.23
C VAL A 216 -6.90 -25.69 -8.29
N PRO A 217 -6.71 -26.52 -9.34
CA PRO A 217 -7.77 -26.55 -10.34
C PRO A 217 -9.06 -27.17 -9.84
N ILE A 218 -10.14 -26.40 -9.89
CA ILE A 218 -11.44 -26.87 -9.42
C ILE A 218 -12.52 -26.71 -10.48
N SER A 219 -12.12 -26.25 -11.66
CA SER A 219 -13.00 -26.10 -12.80
C SER A 219 -12.19 -26.29 -14.07
N PRO A 220 -12.84 -26.70 -15.18
CA PRO A 220 -12.07 -27.03 -16.38
C PRO A 220 -11.57 -25.83 -17.21
N ASP A 221 -11.83 -24.60 -16.75
CA ASP A 221 -11.26 -23.42 -17.38
C ASP A 221 -10.01 -22.94 -16.62
N ASP A 222 -9.50 -23.76 -15.72
CA ASP A 222 -8.30 -23.40 -14.98
C ASP A 222 -7.13 -23.29 -15.95
N PRO A 223 -6.20 -22.34 -15.70
CA PRO A 223 -5.03 -22.24 -16.59
C PRO A 223 -4.18 -23.50 -16.62
N ALA A 224 -4.23 -24.33 -15.59
CA ALA A 224 -3.45 -25.57 -15.52
C ALA A 224 -4.19 -26.78 -16.09
N THR A 225 -5.45 -26.62 -16.50
CA THR A 225 -6.24 -27.77 -16.97
C THR A 225 -5.60 -28.48 -18.17
N PRO A 226 -5.19 -27.74 -19.22
CA PRO A 226 -4.62 -28.48 -20.36
C PRO A 226 -3.34 -29.28 -20.01
N ALA A 227 -2.40 -28.64 -19.33
CA ALA A 227 -1.16 -29.34 -18.94
C ALA A 227 -1.44 -30.48 -17.94
N ASN A 228 -2.37 -30.28 -17.01
CA ASN A 228 -2.63 -31.32 -16.01
C ASN A 228 -3.31 -32.53 -16.64
N ARG A 229 -4.17 -32.29 -17.63
CA ARG A 229 -4.79 -33.41 -18.34
C ARG A 229 -3.75 -34.24 -19.05
N LYS A 230 -2.78 -33.57 -19.66
CA LYS A 230 -1.71 -34.27 -20.36
C LYS A 230 -0.84 -35.04 -19.38
N ALA A 231 -0.48 -34.41 -18.28
CA ALA A 231 0.29 -35.11 -17.22
C ALA A 231 -0.46 -36.30 -16.61
N TRP A 232 -1.77 -36.15 -16.43
CA TRP A 232 -2.60 -37.22 -15.89
C TRP A 232 -2.60 -38.41 -16.85
N ALA A 233 -2.76 -38.11 -18.15
CA ALA A 233 -2.72 -39.16 -19.17
C ALA A 233 -1.37 -39.89 -19.10
N ALA A 234 -0.28 -39.14 -18.97
CA ALA A 234 1.05 -39.74 -18.85
C ALA A 234 1.21 -40.58 -17.58
N LEU A 235 0.67 -40.11 -16.46
CA LEU A 235 0.67 -40.91 -15.24
C LEU A 235 -0.09 -42.22 -15.39
N GLY A 236 -1.12 -42.22 -16.23
CA GLY A 236 -1.87 -43.43 -16.54
C GLY A 236 -1.11 -44.45 -17.38
N ARG A 237 0.09 -44.07 -17.86
CA ARG A 237 0.99 -44.97 -18.55
C ARG A 237 2.26 -45.26 -17.74
N PHE A 238 2.32 -44.76 -16.50
CA PHE A 238 3.52 -44.93 -15.66
C PHE A 238 3.49 -46.32 -15.05
N GLU A 239 4.40 -47.18 -15.51
CA GLU A 239 4.43 -48.59 -15.15
C GLU A 239 5.40 -48.91 -14.01
N LYS A 240 6.21 -47.92 -13.64
CA LYS A 240 7.20 -48.11 -12.60
C LYS A 240 6.52 -48.04 -11.23
N PRO A 241 7.23 -48.51 -10.19
CA PRO A 241 6.55 -48.65 -8.88
C PRO A 241 5.93 -47.39 -8.30
N PHE A 242 4.68 -47.52 -7.88
CA PHE A 242 3.90 -46.43 -7.32
C PHE A 242 3.21 -46.93 -6.04
N LEU A 243 3.48 -46.23 -4.92
CA LEU A 243 2.94 -46.58 -3.62
C LEU A 243 1.98 -45.52 -3.13
N SER A 244 0.81 -45.97 -2.72
CA SER A 244 -0.16 -45.12 -2.04
C SER A 244 0.08 -45.28 -0.55
N ALA A 245 0.40 -44.17 0.12
CA ALA A 245 0.65 -44.11 1.54
C ALA A 245 -0.03 -42.91 2.18
N PHE A 246 -1.34 -42.78 1.91
CA PHE A 246 -2.18 -41.77 2.52
C PHE A 246 -2.46 -42.12 3.99
N SER A 247 -2.80 -41.11 4.78
CA SER A 247 -3.22 -41.32 6.16
C SER A 247 -4.72 -41.49 6.26
N ASP A 248 -5.19 -41.80 7.48
CA ASP A 248 -6.59 -42.12 7.69
C ASP A 248 -7.47 -40.97 8.17
N SER A 249 -6.87 -39.81 8.43
CA SER A 249 -7.61 -38.72 9.06
C SER A 249 -7.43 -37.41 8.33
N ASP A 250 -7.48 -37.45 7.00
CA ASP A 250 -7.35 -36.25 6.18
C ASP A 250 -8.49 -36.13 5.20
N PRO A 251 -9.57 -35.44 5.62
CA PRO A 251 -10.73 -35.21 4.77
C PRO A 251 -10.44 -34.49 3.46
N ILE A 252 -9.41 -33.66 3.44
CA ILE A 252 -9.07 -32.90 2.22
C ILE A 252 -8.68 -33.79 1.04
N THR A 253 -7.90 -34.84 1.30
CA THR A 253 -7.35 -35.67 0.22
C THR A 253 -7.86 -37.12 0.20
N GLY A 254 -8.60 -37.54 1.23
CA GLY A 254 -8.99 -38.93 1.35
C GLY A 254 -9.68 -39.51 0.13
N ALA A 255 -10.55 -38.73 -0.49
CA ALA A 255 -11.31 -39.23 -1.63
C ALA A 255 -10.44 -39.49 -2.86
N ALA A 256 -9.31 -38.79 -2.91
CA ALA A 256 -8.37 -38.91 -4.02
C ALA A 256 -7.60 -40.23 -4.02
N GLU A 257 -7.45 -40.84 -2.85
CA GLU A 257 -6.61 -42.02 -2.71
C GLU A 257 -6.96 -43.14 -3.70
N PRO A 258 -8.25 -43.56 -3.77
CA PRO A 258 -8.54 -44.68 -4.69
C PRO A 258 -8.49 -44.30 -6.16
N VAL A 259 -8.69 -43.02 -6.46
CA VAL A 259 -8.62 -42.53 -7.85
C VAL A 259 -7.18 -42.58 -8.35
N LEU A 260 -6.28 -42.05 -7.55
CA LEU A 260 -4.84 -42.14 -7.86
C LEU A 260 -4.34 -43.59 -7.93
N ARG A 261 -4.67 -44.39 -6.93
CA ARG A 261 -4.21 -45.78 -6.89
C ARG A 261 -4.71 -46.56 -8.12
N GLY A 262 -5.97 -46.34 -8.50
CA GLY A 262 -6.56 -47.05 -9.63
C GLY A 262 -6.05 -46.59 -10.98
N HIS A 263 -5.54 -45.37 -11.06
CA HIS A 263 -5.14 -44.78 -12.33
C HIS A 263 -3.75 -45.17 -12.81
N VAL A 264 -2.82 -45.34 -11.86
CA VAL A 264 -1.41 -45.56 -12.20
C VAL A 264 -1.12 -47.05 -12.33
N PRO A 265 -0.74 -47.50 -13.54
CA PRO A 265 -0.54 -48.96 -13.73
C PRO A 265 0.52 -49.54 -12.78
N GLY A 266 1.55 -48.76 -12.50
CA GLY A 266 2.62 -49.18 -11.60
C GLY A 266 2.22 -49.34 -10.14
N ALA A 267 1.01 -48.94 -9.78
CA ALA A 267 0.46 -49.23 -8.45
C ALA A 267 -0.01 -50.66 -8.31
N ARG A 268 -0.25 -51.33 -9.42
CA ARG A 268 -0.78 -52.72 -9.41
C ARG A 268 0.28 -53.62 -8.77
N GLY A 269 -0.12 -54.38 -7.75
CA GLY A 269 0.74 -55.33 -7.07
C GLY A 269 1.64 -54.78 -5.97
N GLN A 270 1.63 -53.46 -5.76
CA GLN A 270 2.40 -52.85 -4.70
C GLN A 270 1.60 -52.95 -3.41
N SER A 271 2.31 -52.98 -2.29
CA SER A 271 1.69 -53.13 -0.98
C SER A 271 1.34 -51.80 -0.37
N HIS A 272 0.20 -51.25 -0.78
CA HIS A 272 -0.21 -49.93 -0.36
C HIS A 272 -0.53 -49.97 1.12
N VAL A 273 -0.31 -48.84 1.76
CA VAL A 273 -0.51 -48.72 3.19
C VAL A 273 -1.41 -47.54 3.50
N THR A 274 -2.10 -47.63 4.63
CA THR A 274 -2.78 -46.50 5.21
C THR A 274 -2.03 -46.15 6.48
N ILE A 275 -1.52 -44.94 6.57
CA ILE A 275 -0.77 -44.49 7.75
C ILE A 275 -1.79 -44.12 8.82
N ALA A 276 -1.88 -44.95 9.86
CA ALA A 276 -2.89 -44.82 10.90
C ALA A 276 -2.55 -43.70 11.87
N GLY A 277 -3.58 -43.00 12.33
CA GLY A 277 -3.43 -41.98 13.37
C GLY A 277 -2.68 -40.74 12.89
N ALA A 278 -2.96 -40.31 11.66
CA ALA A 278 -2.31 -39.13 11.13
C ALA A 278 -3.27 -38.29 10.31
N GLY A 279 -3.10 -36.98 10.44
CA GLY A 279 -3.91 -36.02 9.69
C GLY A 279 -3.29 -35.68 8.35
N HIS A 280 -3.72 -34.56 7.78
CA HIS A 280 -3.20 -34.10 6.51
C HIS A 280 -1.68 -34.02 6.46
N PHE A 281 -1.09 -33.39 7.48
CA PHE A 281 0.36 -33.26 7.58
C PHE A 281 0.91 -34.49 8.28
N LEU A 282 0.82 -35.61 7.57
CA LEU A 282 1.08 -36.90 8.18
C LEU A 282 2.54 -37.06 8.62
N GLN A 283 3.42 -36.26 8.02
CA GLN A 283 4.84 -36.29 8.36
C GLN A 283 5.08 -35.78 9.78
N GLU A 284 4.19 -34.94 10.29
CA GLU A 284 4.26 -34.46 11.67
C GLU A 284 3.76 -35.48 12.67
N ASP A 285 2.71 -36.19 12.32
CA ASP A 285 2.08 -37.15 13.21
C ASP A 285 2.76 -38.50 13.23
N LYS A 286 3.18 -38.97 12.05
CA LYS A 286 3.68 -40.34 11.88
C LYS A 286 4.82 -40.37 10.85
N GLY A 287 5.76 -39.45 10.98
CA GLY A 287 6.88 -39.32 10.06
C GLY A 287 7.76 -40.55 10.00
N ARG A 288 8.12 -41.09 11.17
CA ARG A 288 8.90 -42.31 11.19
C ARG A 288 8.19 -43.46 10.48
N GLU A 289 6.90 -43.60 10.74
CA GLU A 289 6.12 -44.69 10.12
C GLU A 289 6.08 -44.55 8.60
N LEU A 290 5.87 -43.33 8.11
CA LEU A 290 5.85 -43.10 6.68
C LEU A 290 7.24 -43.38 6.07
N ALA A 291 8.30 -42.94 6.75
CA ALA A 291 9.66 -43.18 6.27
C ALA A 291 9.97 -44.68 6.22
N GLU A 292 9.54 -45.43 7.23
CA GLU A 292 9.70 -46.89 7.23
C GLU A 292 8.96 -47.54 6.05
N ALA A 293 7.76 -47.06 5.74
CA ALA A 293 7.02 -47.54 4.57
C ALA A 293 7.78 -47.26 3.27
N VAL A 294 8.41 -46.08 3.18
CA VAL A 294 9.21 -45.73 2.00
C VAL A 294 10.44 -46.66 1.85
N VAL A 295 11.12 -46.94 2.96
CA VAL A 295 12.28 -47.82 2.95
C VAL A 295 11.85 -49.22 2.48
N THR A 296 10.77 -49.72 3.06
CA THR A 296 10.26 -51.06 2.69
C THR A 296 9.94 -51.15 1.20
N PHE A 297 9.29 -50.11 0.69
CA PHE A 297 8.92 -49.99 -0.73
C PHE A 297 10.12 -49.92 -1.67
N VAL A 298 11.14 -49.15 -1.29
CA VAL A 298 12.37 -49.07 -2.05
C VAL A 298 13.05 -50.43 -2.09
N ARG A 299 13.17 -51.09 -0.94
CA ARG A 299 13.85 -52.37 -0.91
C ARG A 299 13.11 -53.46 -1.66
N ALA A 300 11.78 -53.38 -1.68
CA ALA A 300 10.94 -54.37 -2.38
C ALA A 300 10.95 -54.19 -3.87
N ASN A 301 11.49 -53.07 -4.34
CA ASN A 301 11.54 -52.75 -5.76
C ASN A 301 12.97 -52.38 -6.16
N PRO A 302 13.89 -53.35 -6.06
CA PRO A 302 15.34 -53.08 -6.27
C PRO A 302 15.67 -52.47 -7.64
N ASP B 2 -35.75 -18.44 -23.87
CA ASP B 2 -34.78 -19.51 -23.83
C ASP B 2 -33.37 -18.89 -23.81
N VAL B 3 -32.47 -19.52 -23.07
CA VAL B 3 -31.16 -18.93 -22.76
C VAL B 3 -30.10 -20.01 -22.78
N LEU B 4 -29.00 -19.72 -23.46
CA LEU B 4 -27.84 -20.60 -23.50
C LEU B 4 -26.73 -20.04 -22.64
N ARG B 5 -25.90 -20.96 -22.15
CA ARG B 5 -24.70 -20.61 -21.41
C ARG B 5 -23.50 -21.26 -22.08
N THR B 6 -22.51 -20.45 -22.43
CA THR B 6 -21.32 -20.95 -23.11
C THR B 6 -20.54 -21.84 -22.12
N PRO B 7 -20.17 -23.06 -22.54
CA PRO B 7 -19.42 -23.93 -21.61
C PRO B 7 -18.12 -23.30 -21.15
N ASP B 8 -17.78 -23.53 -19.89
CA ASP B 8 -16.53 -23.02 -19.32
C ASP B 8 -15.26 -23.48 -20.01
N GLU B 9 -15.26 -24.66 -20.59
CA GLU B 9 -14.10 -25.11 -21.35
C GLU B 9 -13.72 -24.19 -22.51
N ARG B 10 -14.66 -23.42 -23.03
CA ARG B 10 -14.34 -22.52 -24.13
C ARG B 10 -13.35 -21.45 -23.68
N PHE B 11 -13.25 -21.20 -22.38
CA PHE B 11 -12.47 -20.08 -21.85
C PHE B 11 -11.14 -20.50 -21.20
N THR B 12 -10.74 -21.72 -21.42
CA THR B 12 -9.52 -22.25 -20.81
C THR B 12 -8.29 -21.58 -21.39
N ALA B 13 -7.42 -21.10 -20.51
CA ALA B 13 -6.08 -20.63 -20.88
C ALA B 13 -6.06 -19.56 -21.95
N LEU B 14 -6.97 -18.59 -21.85
CA LEU B 14 -6.93 -17.46 -22.74
C LEU B 14 -5.70 -16.61 -22.39
N PRO B 15 -4.91 -16.23 -23.40
CA PRO B 15 -3.67 -15.51 -23.07
C PRO B 15 -3.91 -14.12 -22.50
N ASP B 16 -3.02 -13.72 -21.60
CA ASP B 16 -3.00 -12.35 -21.06
C ASP B 16 -4.30 -11.97 -20.36
N PHE B 17 -4.94 -12.94 -19.72
CA PHE B 17 -6.25 -12.74 -19.10
C PHE B 17 -6.36 -13.58 -17.83
N PRO B 18 -5.51 -13.31 -16.82
CA PRO B 18 -5.50 -14.06 -15.55
C PRO B 18 -6.47 -13.46 -14.53
N PHE B 19 -7.71 -13.24 -14.94
CA PHE B 19 -8.67 -12.56 -14.09
C PHE B 19 -9.79 -13.54 -13.80
N ALA B 20 -10.05 -13.76 -12.51
CA ALA B 20 -11.03 -14.75 -12.08
C ALA B 20 -12.44 -14.31 -12.50
N PRO B 21 -13.25 -15.25 -13.02
CA PRO B 21 -14.62 -14.89 -13.38
C PRO B 21 -15.48 -14.67 -12.14
N ARG B 22 -16.25 -13.59 -12.16
CA ARG B 22 -17.24 -13.33 -11.13
C ARG B 22 -18.60 -13.21 -11.83
N TYR B 23 -19.67 -13.42 -11.06
CA TYR B 23 -21.00 -13.45 -11.63
C TYR B 23 -22.02 -12.79 -10.75
N VAL B 24 -23.02 -12.20 -11.40
CA VAL B 24 -24.21 -11.70 -10.72
C VAL B 24 -25.42 -12.19 -11.50
N GLU B 25 -26.55 -12.26 -10.82
CA GLU B 25 -27.79 -12.67 -11.44
C GLU B 25 -28.72 -11.50 -11.54
N VAL B 26 -29.39 -11.38 -12.67
CA VAL B 26 -30.32 -10.30 -12.92
C VAL B 26 -31.61 -10.87 -13.49
N ASP B 27 -32.69 -10.12 -13.38
CA ASP B 27 -33.97 -10.52 -13.98
C ASP B 27 -33.86 -10.64 -15.49
N SER B 28 -34.39 -11.71 -16.06
CA SER B 28 -34.38 -11.91 -17.51
C SER B 28 -35.30 -10.92 -18.19
N GLY B 29 -36.37 -10.51 -17.51
CA GLY B 29 -37.40 -9.64 -18.09
C GLY B 29 -38.70 -10.37 -18.42
N ASP B 30 -38.68 -11.70 -18.40
CA ASP B 30 -39.88 -12.48 -18.62
C ASP B 30 -40.12 -13.52 -17.53
N GLY B 31 -39.66 -13.23 -16.33
CA GLY B 31 -40.00 -14.02 -15.16
C GLY B 31 -38.89 -14.90 -14.65
N GLY B 32 -37.79 -15.00 -15.39
CA GLY B 32 -36.64 -15.81 -14.98
C GLY B 32 -35.44 -14.96 -14.58
N THR B 33 -34.29 -15.60 -14.51
CA THR B 33 -33.06 -14.96 -14.09
C THR B 33 -31.99 -15.33 -15.07
N LEU B 34 -31.01 -14.44 -15.24
CA LEU B 34 -29.84 -14.90 -15.93
C LEU B 34 -28.56 -14.33 -15.36
N ARG B 35 -27.50 -15.00 -15.72
CA ARG B 35 -26.21 -14.73 -15.15
C ARG B 35 -25.36 -13.85 -16.05
N HIS B 37 -21.43 -12.16 -16.38
CA HIS B 37 -20.04 -12.25 -15.96
C HIS B 37 -19.41 -10.86 -15.81
N TYR B 38 -18.55 -10.74 -14.82
CA TYR B 38 -17.75 -9.54 -14.65
C TYR B 38 -16.40 -9.87 -14.02
N LEU B 39 -15.47 -8.92 -14.17
CA LEU B 39 -14.14 -8.95 -13.56
C LEU B 39 -14.11 -7.84 -12.54
N ASP B 40 -13.39 -8.06 -11.43
CA ASP B 40 -13.25 -7.08 -10.36
C ASP B 40 -11.82 -7.21 -9.85
N GLU B 41 -10.98 -6.23 -10.18
CA GLU B 41 -9.55 -6.36 -9.95
C GLU B 41 -9.02 -5.08 -9.32
N GLY B 42 -7.98 -5.24 -8.50
CA GLY B 42 -7.35 -4.12 -7.81
C GLY B 42 -7.86 -3.92 -6.40
N ARG B 43 -7.33 -2.89 -5.74
CA ARG B 43 -7.62 -2.66 -4.32
C ARG B 43 -9.12 -2.49 -4.13
N SER B 44 -9.66 -3.19 -3.13
CA SER B 44 -11.11 -3.23 -2.91
C SER B 44 -11.70 -1.86 -2.60
N ASP B 45 -10.88 -0.97 -2.05
CA ASP B 45 -11.30 0.39 -1.69
C ASP B 45 -10.85 1.41 -2.74
N GLY B 46 -10.42 0.94 -3.91
CA GLY B 46 -9.95 1.84 -4.93
C GLY B 46 -11.11 2.52 -5.61
N GLU B 47 -10.85 3.66 -6.23
CA GLU B 47 -11.88 4.30 -7.04
C GLU B 47 -12.23 3.37 -8.20
N VAL B 48 -13.52 3.22 -8.46
CA VAL B 48 -14.00 2.27 -9.44
C VAL B 48 -13.89 2.84 -10.83
N VAL B 49 -13.27 2.07 -11.71
CA VAL B 49 -13.27 2.35 -13.15
C VAL B 49 -14.07 1.23 -13.81
N LEU B 50 -15.22 1.56 -14.40
CA LEU B 50 -16.10 0.58 -15.00
C LEU B 50 -15.85 0.56 -16.50
N LEU B 51 -15.47 -0.61 -17.00
CA LEU B 51 -15.05 -0.79 -18.39
C LEU B 51 -16.13 -1.54 -19.16
N LEU B 52 -16.79 -0.86 -20.09
CA LEU B 52 -17.87 -1.48 -20.85
C LEU B 52 -17.47 -1.67 -22.32
N HIS B 53 -17.63 -2.91 -22.77
CA HIS B 53 -17.35 -3.29 -24.15
C HIS B 53 -18.63 -3.23 -24.95
N GLY B 54 -18.48 -3.34 -26.27
CA GLY B 54 -19.63 -3.40 -27.17
C GLY B 54 -19.61 -4.59 -28.11
N GLU B 55 -20.06 -4.34 -29.34
CA GLU B 55 -20.30 -5.36 -30.36
C GLU B 55 -19.03 -5.67 -31.14
N PRO B 56 -18.75 -6.97 -31.44
CA PRO B 56 -19.21 -8.22 -30.87
C PRO B 56 -18.09 -8.72 -29.93
N SER B 57 -17.67 -7.88 -29.00
CA SER B 57 -16.52 -8.19 -28.14
C SER B 57 -16.98 -8.66 -26.76
N TRP B 58 -16.06 -8.66 -25.79
CA TRP B 58 -16.40 -8.90 -24.40
C TRP B 58 -15.29 -8.32 -23.55
N SER B 59 -15.31 -8.58 -22.24
CA SER B 59 -14.32 -7.95 -21.33
C SER B 59 -12.87 -8.29 -21.63
N TYR B 60 -12.64 -9.35 -22.39
CA TYR B 60 -11.32 -9.67 -22.93
C TYR B 60 -10.67 -8.45 -23.62
N LEU B 61 -11.50 -7.63 -24.28
CA LEU B 61 -11.06 -6.40 -24.95
C LEU B 61 -10.30 -5.43 -24.05
N TYR B 62 -10.57 -5.49 -22.74
CA TYR B 62 -9.94 -4.62 -21.76
C TYR B 62 -8.70 -5.20 -21.09
N ARG B 63 -8.21 -6.35 -21.58
CA ARG B 63 -7.14 -7.06 -20.86
C ARG B 63 -5.82 -6.29 -20.79
N TRP B 64 -5.55 -5.44 -21.78
CA TRP B 64 -4.30 -4.62 -21.73
C TRP B 64 -4.45 -3.41 -20.81
N ILE B 66 -6.58 -3.27 -17.91
CA ILE B 66 -6.78 -3.61 -16.50
C ILE B 66 -5.48 -3.54 -15.64
N PRO B 67 -4.37 -4.15 -16.09
CA PRO B 67 -3.17 -4.09 -15.25
C PRO B 67 -2.66 -2.67 -15.00
N VAL B 68 -2.79 -1.80 -15.99
CA VAL B 68 -2.37 -0.40 -15.84
C VAL B 68 -3.21 0.26 -14.76
N LEU B 69 -4.53 0.04 -14.82
CA LEU B 69 -5.44 0.66 -13.87
C LEU B 69 -5.15 0.14 -12.45
N VAL B 70 -4.96 -1.16 -12.33
CA VAL B 70 -4.69 -1.78 -11.05
C VAL B 70 -3.38 -1.28 -10.46
N GLU B 71 -2.34 -1.17 -11.28
CA GLU B 71 -1.04 -0.69 -10.82
C GLU B 71 -1.13 0.77 -10.33
N ALA B 72 -2.03 1.54 -10.94
CA ALA B 72 -2.29 2.91 -10.56
C ALA B 72 -3.15 3.04 -9.27
N GLY B 73 -3.59 1.93 -8.69
CA GLY B 73 -4.33 1.95 -7.43
C GLY B 73 -5.82 2.08 -7.59
N LEU B 74 -6.29 1.86 -8.81
CA LEU B 74 -7.72 1.93 -9.12
C LEU B 74 -8.31 0.53 -9.08
N ARG B 75 -9.63 0.48 -8.94
CA ARG B 75 -10.35 -0.78 -8.97
C ARG B 75 -11.02 -0.88 -10.33
N ALA B 76 -10.60 -1.88 -11.10
CA ALA B 76 -11.10 -2.07 -12.45
C ALA B 76 -12.21 -3.11 -12.45
N VAL B 77 -13.37 -2.71 -12.96
CA VAL B 77 -14.51 -3.60 -13.07
C VAL B 77 -14.94 -3.62 -14.53
N ALA B 78 -15.10 -4.80 -15.10
CA ALA B 78 -15.52 -4.96 -16.49
C ALA B 78 -16.66 -5.94 -16.51
N ILE B 79 -17.74 -5.59 -17.20
CA ILE B 79 -18.95 -6.41 -17.20
C ILE B 79 -19.29 -6.86 -18.63
N ASP B 80 -19.58 -8.13 -18.81
CA ASP B 80 -19.97 -8.64 -20.12
C ASP B 80 -21.46 -8.42 -20.35
N LEU B 81 -21.81 -7.78 -21.46
CA LEU B 81 -23.21 -7.65 -21.88
C LEU B 81 -23.88 -8.99 -22.05
N VAL B 82 -25.18 -9.03 -21.77
CA VAL B 82 -26.00 -10.21 -22.04
C VAL B 82 -25.88 -10.50 -23.53
N GLY B 83 -25.63 -11.76 -23.88
CA GLY B 83 -25.36 -12.15 -25.25
C GLY B 83 -23.89 -12.33 -25.59
N PHE B 84 -22.99 -11.96 -24.67
CA PHE B 84 -21.57 -11.79 -24.98
C PHE B 84 -20.68 -12.37 -23.90
N GLY B 85 -19.46 -12.68 -24.28
CA GLY B 85 -18.46 -13.08 -23.30
C GLY B 85 -18.89 -14.29 -22.53
N ARG B 86 -18.77 -14.21 -21.20
CA ARG B 86 -19.17 -15.30 -20.30
C ARG B 86 -20.53 -15.07 -19.68
N SER B 87 -21.26 -14.05 -20.15
CA SER B 87 -22.65 -13.83 -19.73
C SER B 87 -23.60 -14.78 -20.48
N ASP B 88 -24.76 -15.02 -19.88
CA ASP B 88 -25.79 -15.86 -20.50
C ASP B 88 -26.32 -15.21 -21.78
N LYS B 89 -26.87 -16.03 -22.66
CA LYS B 89 -27.16 -15.64 -24.03
C LYS B 89 -28.55 -16.10 -24.47
N PRO B 90 -29.53 -15.21 -24.33
CA PRO B 90 -30.87 -15.45 -24.88
C PRO B 90 -30.77 -15.89 -26.35
N THR B 91 -31.63 -16.82 -26.76
CA THR B 91 -31.49 -17.48 -28.06
C THR B 91 -32.24 -16.77 -29.19
N SER B 92 -33.14 -15.86 -28.86
CA SER B 92 -33.91 -15.18 -29.90
C SER B 92 -33.41 -13.75 -30.09
N ARG B 93 -33.30 -13.33 -31.34
CA ARG B 93 -32.95 -11.95 -31.65
C ARG B 93 -33.94 -10.96 -31.04
N ASP B 94 -35.21 -11.36 -30.94
CA ASP B 94 -36.24 -10.52 -30.35
C ASP B 94 -36.09 -10.30 -28.83
N ASP B 95 -35.27 -11.11 -28.16
CA ASP B 95 -34.98 -10.95 -26.74
C ASP B 95 -34.06 -9.73 -26.50
N TYR B 96 -33.39 -9.26 -27.54
CA TYR B 96 -32.43 -8.18 -27.40
C TYR B 96 -33.02 -6.87 -27.92
N THR B 97 -33.08 -5.88 -27.03
CA THR B 97 -33.48 -4.52 -27.37
C THR B 97 -32.57 -3.56 -26.65
N TYR B 98 -32.59 -2.31 -27.07
CA TYR B 98 -31.78 -1.29 -26.43
C TYR B 98 -32.21 -1.21 -24.96
N GLN B 99 -33.52 -1.17 -24.73
CA GLN B 99 -34.06 -1.10 -23.36
C GLN B 99 -33.60 -2.26 -22.52
N ALA B 100 -33.66 -3.47 -23.08
CA ALA B 100 -33.30 -4.66 -22.31
C ALA B 100 -31.84 -4.62 -21.87
N HIS B 101 -30.95 -4.22 -22.79
CA HIS B 101 -29.53 -4.09 -22.45
C HIS B 101 -29.28 -3.05 -21.34
N VAL B 102 -29.97 -1.92 -21.44
CA VAL B 102 -29.87 -0.86 -20.42
C VAL B 102 -30.32 -1.40 -19.07
N ASP B 103 -31.44 -2.14 -19.05
CA ASP B 103 -31.98 -2.68 -17.80
C ASP B 103 -31.07 -3.78 -17.21
N TRP B 104 -30.56 -4.66 -18.08
CA TRP B 104 -29.64 -5.70 -17.64
C TRP B 104 -28.35 -5.11 -17.08
N TRP B 106 -27.79 -2.01 -15.92
CA TRP B 106 -28.05 -1.28 -14.68
C TRP B 106 -28.21 -2.26 -13.53
N ALA B 107 -28.97 -3.35 -13.75
CA ALA B 107 -29.17 -4.35 -12.70
C ALA B 107 -27.84 -4.94 -12.25
N ALA B 108 -26.93 -5.19 -13.20
CA ALA B 108 -25.61 -5.72 -12.86
C ALA B 108 -24.80 -4.75 -11.99
N ILE B 109 -24.80 -3.48 -12.39
CA ILE B 109 -24.09 -2.44 -11.64
C ILE B 109 -24.64 -2.37 -10.21
N GLU B 110 -25.97 -2.37 -10.09
CA GLU B 110 -26.62 -2.32 -8.79
C GLU B 110 -26.33 -3.53 -7.91
N GLU B 111 -26.31 -4.71 -8.53
CA GLU B 111 -26.09 -5.95 -7.80
C GLU B 111 -24.65 -6.06 -7.31
N ILE B 112 -23.71 -5.63 -8.16
CA ILE B 112 -22.31 -5.61 -7.76
C ILE B 112 -22.11 -4.57 -6.65
N GLY B 113 -22.88 -3.48 -6.72
CA GLY B 113 -22.89 -2.46 -5.68
C GLY B 113 -21.89 -1.35 -5.89
N LEU B 114 -21.69 -0.98 -7.15
CA LEU B 114 -20.71 0.03 -7.51
C LEU B 114 -21.21 1.43 -7.18
N ALA B 115 -20.30 2.29 -6.73
CA ALA B 115 -20.59 3.68 -6.41
C ALA B 115 -19.54 4.59 -6.99
N ASP B 116 -19.91 5.85 -7.25
CA ASP B 116 -18.97 6.90 -7.64
C ASP B 116 -18.05 6.42 -8.77
N VAL B 117 -18.68 5.97 -9.83
CA VAL B 117 -18.02 5.25 -10.91
C VAL B 117 -17.35 6.15 -11.92
N THR B 118 -16.14 5.76 -12.37
CA THR B 118 -15.53 6.34 -13.58
C THR B 118 -15.80 5.40 -14.76
N LEU B 119 -16.72 5.79 -15.63
CA LEU B 119 -17.12 4.95 -16.77
C LEU B 119 -16.14 5.12 -17.90
N VAL B 120 -15.70 4.00 -18.47
CA VAL B 120 -14.91 4.01 -19.68
C VAL B 120 -15.67 3.17 -20.68
N CYS B 121 -16.03 3.77 -21.80
CA CYS B 121 -16.96 3.10 -22.70
C CYS B 121 -16.59 3.27 -24.15
N GLN B 122 -16.93 2.26 -24.94
CA GLN B 122 -16.60 2.21 -26.36
C GLN B 122 -17.69 1.44 -27.09
N ASP B 123 -17.99 1.81 -28.33
CA ASP B 123 -18.99 1.10 -29.16
C ASP B 123 -20.31 1.03 -28.37
N TRP B 124 -21.00 -0.11 -28.39
CA TRP B 124 -22.24 -0.28 -27.64
C TRP B 124 -22.07 -0.17 -26.11
N GLY B 125 -20.84 -0.32 -25.61
CA GLY B 125 -20.57 -0.04 -24.20
C GLY B 125 -20.95 1.39 -23.83
N GLY B 126 -20.75 2.29 -24.78
CA GLY B 126 -21.15 3.68 -24.61
C GLY B 126 -22.59 3.96 -25.00
N LEU B 127 -23.12 3.34 -26.05
CA LEU B 127 -24.55 3.51 -26.35
C LEU B 127 -25.37 3.14 -25.11
N ILE B 128 -24.94 2.10 -24.40
CA ILE B 128 -25.61 1.69 -23.16
C ILE B 128 -25.15 2.54 -21.98
N GLY B 129 -23.84 2.62 -21.81
CA GLY B 129 -23.26 3.36 -20.67
C GLY B 129 -23.63 4.83 -20.61
N LEU B 130 -23.56 5.51 -21.74
CA LEU B 130 -23.93 6.94 -21.75
C LEU B 130 -25.42 7.17 -21.47
N ARG B 131 -26.27 6.26 -21.92
CA ARG B 131 -27.67 6.30 -21.55
C ARG B 131 -27.83 6.13 -20.03
N LEU B 132 -27.05 5.23 -19.44
CA LEU B 132 -27.07 5.05 -17.99
C LEU B 132 -26.58 6.29 -17.24
N VAL B 133 -25.59 6.99 -17.78
CA VAL B 133 -25.15 8.25 -17.18
C VAL B 133 -26.31 9.25 -17.18
N GLY B 134 -27.00 9.34 -18.31
CA GLY B 134 -28.16 10.24 -18.42
C GLY B 134 -29.27 9.88 -17.45
N GLU B 135 -29.50 8.59 -17.27
CA GLU B 135 -30.60 8.11 -16.41
C GLU B 135 -30.26 8.05 -14.92
N HIS B 136 -28.96 7.93 -14.59
CA HIS B 136 -28.52 7.81 -13.21
C HIS B 136 -27.23 8.62 -12.99
N PRO B 137 -27.26 9.94 -13.21
CA PRO B 137 -26.02 10.70 -13.18
C PRO B 137 -25.31 10.65 -11.84
N ASP B 138 -26.06 10.52 -10.75
CA ASP B 138 -25.45 10.47 -9.41
C ASP B 138 -24.53 9.27 -9.19
N ARG B 139 -24.70 8.22 -9.98
CA ARG B 139 -23.86 7.02 -9.86
C ARG B 139 -22.44 7.24 -10.43
N PHE B 140 -22.28 8.21 -11.32
CA PHE B 140 -21.04 8.37 -12.11
C PHE B 140 -20.24 9.60 -11.68
N ALA B 141 -19.04 9.38 -11.17
CA ALA B 141 -18.15 10.47 -10.77
C ALA B 141 -17.51 11.12 -11.98
N ARG B 142 -17.18 10.32 -12.99
CA ARG B 142 -16.48 10.77 -14.19
C ARG B 142 -16.82 9.84 -15.35
N VAL B 143 -16.64 10.33 -16.56
CA VAL B 143 -16.89 9.57 -17.77
C VAL B 143 -15.76 9.75 -18.77
N VAL B 144 -15.32 8.64 -19.37
CA VAL B 144 -14.40 8.64 -20.49
C VAL B 144 -15.13 7.98 -21.67
N ALA B 145 -15.31 8.73 -22.76
CA ALA B 145 -15.94 8.20 -23.97
C ALA B 145 -14.87 8.01 -25.05
N ALA B 146 -14.83 6.81 -25.63
CA ALA B 146 -13.85 6.48 -26.64
C ALA B 146 -14.52 5.70 -27.77
N ASN B 147 -14.59 6.30 -28.96
CA ASN B 147 -15.14 5.64 -30.13
C ASN B 147 -16.53 5.09 -29.86
N THR B 148 -17.43 6.02 -29.52
CA THR B 148 -18.78 5.68 -29.16
C THR B 148 -19.67 6.90 -29.40
N LEU B 150 -24.17 8.42 -28.46
CA LEU B 150 -25.50 8.18 -27.92
C LEU B 150 -26.51 8.67 -28.96
N PRO B 151 -26.80 7.84 -29.96
CA PRO B 151 -27.71 8.31 -31.03
C PRO B 151 -29.17 8.28 -30.62
N THR B 152 -29.92 9.29 -31.01
CA THR B 152 -31.34 9.34 -30.73
C THR B 152 -32.16 8.80 -31.89
N GLY B 153 -31.54 8.69 -33.07
CA GLY B 153 -32.23 8.37 -34.32
C GLY B 153 -32.51 9.59 -35.17
N ASP B 154 -32.18 10.78 -34.64
CA ASP B 154 -32.37 11.99 -35.37
C ASP B 154 -31.38 12.11 -36.57
N HIS B 155 -30.19 11.51 -36.44
CA HIS B 155 -29.15 11.55 -37.51
C HIS B 155 -28.89 10.26 -38.30
N HIS B 156 -28.59 10.42 -39.59
CA HIS B 156 -28.09 9.35 -40.44
C HIS B 156 -26.77 8.87 -39.81
N PRO B 157 -26.59 7.55 -39.67
CA PRO B 157 -25.44 7.02 -38.97
C PRO B 157 -24.13 7.02 -39.76
N GLY B 158 -24.21 7.29 -41.06
CA GLY B 158 -23.03 7.39 -41.91
C GLY B 158 -22.82 6.11 -42.70
N GLU B 159 -22.14 6.22 -43.83
CA GLU B 159 -21.90 5.08 -44.70
C GLU B 159 -21.04 4.00 -44.06
N ALA B 160 -20.09 4.37 -43.21
CA ALA B 160 -19.21 3.38 -42.58
C ALA B 160 -20.04 2.45 -41.71
N PHE B 161 -20.90 3.02 -40.87
CA PHE B 161 -21.78 2.17 -40.09
C PHE B 161 -22.66 1.27 -40.98
N LEU B 162 -23.27 1.82 -42.02
CA LEU B 162 -24.17 1.03 -42.84
C LEU B 162 -23.49 -0.16 -43.52
N ALA B 163 -22.23 0.01 -43.91
CA ALA B 163 -21.45 -1.08 -44.48
C ALA B 163 -21.24 -2.21 -43.48
N TRP B 164 -20.91 -1.83 -42.26
CA TRP B 164 -20.81 -2.78 -41.16
C TRP B 164 -22.17 -3.45 -40.91
N GLN B 165 -23.23 -2.64 -40.83
CA GLN B 165 -24.56 -3.19 -40.54
C GLN B 165 -24.95 -4.26 -41.57
N LYS B 166 -24.79 -3.95 -42.85
CA LYS B 166 -25.09 -4.87 -43.94
C LYS B 166 -24.29 -6.17 -43.84
N PHE B 167 -22.97 -6.05 -43.63
CA PHE B 167 -22.13 -7.22 -43.46
C PHE B 167 -22.62 -8.08 -42.29
N SER B 168 -22.95 -7.43 -41.16
CA SER B 168 -23.33 -8.17 -39.95
C SER B 168 -24.56 -9.05 -40.16
N GLN B 169 -25.45 -8.62 -41.05
CA GLN B 169 -26.68 -9.36 -41.39
C GLN B 169 -26.46 -10.37 -42.52
N GLU B 170 -25.64 -10.02 -43.50
CA GLU B 170 -25.47 -10.86 -44.70
C GLU B 170 -24.45 -11.97 -44.58
N VAL B 171 -23.44 -11.80 -43.71
CA VAL B 171 -22.35 -12.79 -43.69
C VAL B 171 -22.94 -14.15 -43.28
N PRO B 172 -22.66 -15.21 -44.06
CA PRO B 172 -23.24 -16.51 -43.72
C PRO B 172 -22.84 -16.99 -42.34
N LEU B 173 -21.55 -16.90 -42.00
CA LEU B 173 -21.03 -17.29 -40.69
C LEU B 173 -20.45 -16.05 -40.02
N PHE B 174 -20.86 -15.78 -38.77
CA PHE B 174 -20.50 -14.54 -38.08
C PHE B 174 -19.21 -14.78 -37.31
N PRO B 175 -18.07 -14.18 -37.74
CA PRO B 175 -16.77 -14.47 -37.16
C PRO B 175 -16.35 -13.35 -36.21
N ALA B 176 -16.69 -13.48 -34.94
CA ALA B 176 -16.55 -12.36 -34.00
C ALA B 176 -15.11 -11.91 -33.92
N GLY B 177 -14.18 -12.85 -33.81
CA GLY B 177 -12.77 -12.51 -33.74
C GLY B 177 -12.26 -11.79 -34.96
N GLN B 178 -12.63 -12.26 -36.15
CA GLN B 178 -12.19 -11.58 -37.36
C GLN B 178 -12.86 -10.20 -37.53
N ILE B 179 -14.05 -10.03 -36.96
CA ILE B 179 -14.68 -8.71 -36.95
C ILE B 179 -13.88 -7.74 -36.09
N VAL B 180 -13.45 -8.18 -34.91
CA VAL B 180 -12.61 -7.35 -34.06
C VAL B 180 -11.30 -7.03 -34.81
N ASN B 181 -10.68 -8.02 -35.42
CA ASN B 181 -9.47 -7.78 -36.23
C ASN B 181 -9.75 -6.79 -37.36
N GLY B 182 -10.93 -6.89 -37.96
CA GLY B 182 -11.35 -5.99 -38.99
C GLY B 182 -11.36 -4.53 -38.57
N GLY B 183 -11.64 -4.28 -37.30
CA GLY B 183 -11.75 -2.91 -36.77
C GLY B 183 -10.54 -2.47 -35.93
N SER B 184 -9.44 -3.19 -36.09
CA SER B 184 -8.19 -2.90 -35.39
C SER B 184 -7.14 -2.64 -36.45
N LEU B 185 -6.22 -1.71 -36.20
CA LEU B 185 -5.03 -1.55 -37.06
C LEU B 185 -3.98 -2.65 -36.87
N SER B 186 -3.84 -3.16 -35.66
CA SER B 186 -2.86 -4.22 -35.39
C SER B 186 -3.42 -5.55 -35.90
N THR B 187 -2.54 -6.49 -36.18
CA THR B 187 -2.95 -7.82 -36.59
C THR B 187 -3.13 -8.65 -35.33
N LEU B 188 -4.37 -9.03 -35.05
CA LEU B 188 -4.64 -9.82 -33.85
C LEU B 188 -4.07 -11.24 -34.00
N SER B 189 -3.53 -11.77 -32.92
CA SER B 189 -2.91 -13.09 -32.96
C SER B 189 -4.00 -14.13 -33.12
N ALA B 190 -3.61 -15.33 -33.56
CA ALA B 190 -4.56 -16.41 -33.73
C ALA B 190 -5.27 -16.73 -32.39
N GLU B 191 -4.51 -16.68 -31.30
CA GLU B 191 -5.09 -16.93 -29.98
C GLU B 191 -6.09 -15.84 -29.57
N THR B 192 -5.85 -14.59 -29.96
CA THR B 192 -6.75 -13.49 -29.67
C THR B 192 -8.05 -13.66 -30.45
N ILE B 193 -7.95 -13.99 -31.73
CA ILE B 193 -9.13 -14.27 -32.54
C ILE B 193 -9.96 -15.36 -31.87
N ALA B 194 -9.29 -16.42 -31.41
CA ALA B 194 -9.94 -17.53 -30.76
C ALA B 194 -10.61 -17.10 -29.45
N ALA B 195 -10.00 -16.15 -28.74
CA ALA B 195 -10.59 -15.62 -27.50
C ALA B 195 -11.90 -14.88 -27.76
N TYR B 196 -11.99 -14.21 -28.90
CA TYR B 196 -13.24 -13.54 -29.27
C TYR B 196 -14.28 -14.48 -29.84
N ASP B 197 -13.85 -15.61 -30.38
CA ASP B 197 -14.78 -16.67 -30.82
C ASP B 197 -15.22 -17.58 -29.68
N ALA B 198 -14.47 -17.59 -28.58
CA ALA B 198 -14.77 -18.47 -27.47
C ALA B 198 -16.21 -18.42 -26.96
N PRO B 199 -16.81 -17.24 -26.86
CA PRO B 199 -18.21 -17.17 -26.41
C PRO B 199 -19.23 -17.86 -27.31
N PHE B 200 -18.86 -18.13 -28.58
CA PHE B 200 -19.82 -18.50 -29.62
C PHE B 200 -19.49 -19.84 -30.29
N PRO B 201 -19.73 -20.96 -29.59
CA PRO B 201 -19.38 -22.26 -30.20
C PRO B 201 -20.07 -22.50 -31.55
N ASP B 202 -21.25 -21.93 -31.72
CA ASP B 202 -21.93 -21.97 -33.00
C ASP B 202 -22.96 -20.85 -33.06
N ALA B 203 -23.67 -20.78 -34.18
CA ALA B 203 -24.58 -19.67 -34.42
C ALA B 203 -25.70 -19.52 -33.41
N SER B 204 -26.09 -20.60 -32.74
CA SER B 204 -27.18 -20.54 -31.77
C SER B 204 -26.88 -19.57 -30.60
N TYR B 205 -25.58 -19.34 -30.35
CA TYR B 205 -25.12 -18.45 -29.29
C TYR B 205 -24.95 -17.00 -29.73
N GLN B 206 -25.26 -16.71 -30.99
CA GLN B 206 -24.92 -15.42 -31.58
C GLN B 206 -26.12 -14.50 -31.85
N ALA B 207 -27.28 -14.78 -31.27
CA ALA B 207 -28.46 -13.96 -31.51
C ALA B 207 -28.21 -12.49 -31.09
N GLY B 208 -27.54 -12.30 -29.95
CA GLY B 208 -27.25 -10.96 -29.47
C GLY B 208 -26.28 -10.25 -30.41
N ALA B 209 -25.28 -11.00 -30.87
CA ALA B 209 -24.27 -10.44 -31.79
C ALA B 209 -24.91 -10.06 -33.15
N ARG B 210 -25.83 -10.87 -33.64
CA ARG B 210 -26.52 -10.56 -34.88
C ARG B 210 -27.47 -9.38 -34.73
N GLN B 211 -28.12 -9.25 -33.57
CA GLN B 211 -29.17 -8.25 -33.41
C GLN B 211 -28.61 -6.83 -33.14
N PHE B 212 -27.43 -6.73 -32.52
CA PHE B 212 -26.95 -5.41 -32.07
C PHE B 212 -27.01 -4.35 -33.16
N PRO B 213 -26.48 -4.64 -34.35
CA PRO B 213 -26.46 -3.60 -35.38
C PRO B 213 -27.83 -3.11 -35.79
N LEU B 215 -30.21 -2.62 -33.65
CA LEU B 215 -30.71 -1.83 -32.53
C LEU B 215 -30.19 -0.40 -32.51
N VAL B 216 -29.23 -0.09 -33.39
CA VAL B 216 -28.68 1.29 -33.44
C VAL B 216 -29.78 2.22 -33.97
N PRO B 217 -30.19 3.24 -33.22
CA PRO B 217 -31.23 4.12 -33.79
C PRO B 217 -30.71 4.91 -34.96
N ILE B 218 -31.38 4.75 -36.10
CA ILE B 218 -30.99 5.45 -37.34
C ILE B 218 -32.17 6.25 -37.92
N SER B 219 -33.29 6.29 -37.18
CA SER B 219 -34.47 7.03 -37.58
C SER B 219 -35.24 7.42 -36.33
N PRO B 220 -36.01 8.52 -36.36
CA PRO B 220 -36.69 8.98 -35.16
C PRO B 220 -37.93 8.18 -34.71
N ASP B 221 -38.26 7.10 -35.40
CA ASP B 221 -39.34 6.21 -34.94
C ASP B 221 -38.75 4.98 -34.27
N ASP B 222 -37.45 5.00 -33.99
CA ASP B 222 -36.84 3.87 -33.30
C ASP B 222 -37.48 3.71 -31.92
N PRO B 223 -37.65 2.46 -31.47
CA PRO B 223 -38.18 2.27 -30.11
C PRO B 223 -37.37 2.95 -28.99
N ALA B 224 -36.08 3.17 -29.21
CA ALA B 224 -35.22 3.81 -28.22
C ALA B 224 -35.21 5.33 -28.31
N THR B 225 -35.85 5.90 -29.33
CA THR B 225 -35.76 7.35 -29.55
C THR B 225 -36.24 8.17 -28.33
N PRO B 226 -37.41 7.85 -27.75
CA PRO B 226 -37.85 8.72 -26.64
C PRO B 226 -36.91 8.65 -25.43
N ALA B 227 -36.50 7.45 -25.05
CA ALA B 227 -35.60 7.31 -23.91
C ALA B 227 -34.24 7.91 -24.21
N ASN B 228 -33.74 7.77 -25.43
CA ASN B 228 -32.42 8.29 -25.76
C ASN B 228 -32.42 9.81 -25.79
N ARG B 229 -33.53 10.41 -26.27
CA ARG B 229 -33.61 11.86 -26.24
C ARG B 229 -33.53 12.37 -24.81
N LYS B 230 -34.21 11.68 -23.90
CA LYS B 230 -34.27 12.12 -22.49
C LYS B 230 -32.89 11.97 -21.88
N ALA B 231 -32.24 10.83 -22.15
CA ALA B 231 -30.88 10.63 -21.69
C ALA B 231 -29.90 11.65 -22.26
N TRP B 232 -30.06 12.00 -23.53
CA TRP B 232 -29.19 12.97 -24.19
C TRP B 232 -29.37 14.35 -23.53
N ALA B 233 -30.61 14.72 -23.27
CA ALA B 233 -30.89 15.98 -22.57
C ALA B 233 -30.20 15.97 -21.20
N ALA B 234 -30.28 14.85 -20.49
CA ALA B 234 -29.63 14.74 -19.19
C ALA B 234 -28.10 14.82 -19.27
N LEU B 235 -27.52 14.20 -20.29
CA LEU B 235 -26.08 14.33 -20.54
C LEU B 235 -25.67 15.77 -20.77
N GLY B 236 -26.56 16.56 -21.38
CA GLY B 236 -26.31 17.97 -21.60
C GLY B 236 -26.34 18.81 -20.34
N ARG B 237 -26.69 18.20 -19.21
CA ARG B 237 -26.62 18.84 -17.90
C ARG B 237 -25.56 18.19 -17.00
N PHE B 238 -24.80 17.26 -17.52
CA PHE B 238 -23.80 16.53 -16.72
C PHE B 238 -22.57 17.42 -16.59
N GLU B 239 -22.33 17.91 -15.38
CA GLU B 239 -21.27 18.88 -15.10
C GLU B 239 -19.98 18.24 -14.57
N LYS B 240 -20.04 16.97 -14.24
CA LYS B 240 -18.89 16.27 -13.70
C LYS B 240 -17.92 15.93 -14.82
N PRO B 241 -16.68 15.55 -14.46
CA PRO B 241 -15.64 15.42 -15.49
C PRO B 241 -15.97 14.39 -16.59
N PHE B 242 -15.78 14.84 -17.83
CA PHE B 242 -16.03 14.05 -19.01
C PHE B 242 -14.84 14.19 -19.95
N LEU B 243 -14.20 13.06 -20.28
CA LEU B 243 -13.04 13.03 -21.16
C LEU B 243 -13.39 12.37 -22.49
N SER B 244 -13.05 13.06 -23.56
CA SER B 244 -13.09 12.51 -24.91
C SER B 244 -11.73 11.89 -25.21
N ALA B 245 -11.71 10.59 -25.47
CA ALA B 245 -10.48 9.84 -25.76
C ALA B 245 -10.70 8.89 -26.93
N PHE B 246 -11.20 9.46 -28.02
CA PHE B 246 -11.39 8.74 -29.27
C PHE B 246 -10.02 8.48 -29.92
N SER B 247 -9.96 7.50 -30.81
CA SER B 247 -8.79 7.26 -31.63
C SER B 247 -8.85 8.01 -32.95
N ASP B 248 -7.76 7.94 -33.71
CA ASP B 248 -7.65 8.71 -34.94
C ASP B 248 -7.98 7.92 -36.22
N SER B 249 -8.28 6.63 -36.11
CA SER B 249 -8.47 5.80 -37.29
C SER B 249 -9.75 4.96 -37.24
N ASP B 250 -10.86 5.58 -36.82
CA ASP B 250 -12.16 4.88 -36.76
C ASP B 250 -13.24 5.67 -37.49
N PRO B 251 -13.42 5.39 -38.78
CA PRO B 251 -14.48 6.04 -39.58
C PRO B 251 -15.91 5.87 -39.07
N ILE B 252 -16.18 4.78 -38.38
CA ILE B 252 -17.55 4.53 -37.86
C ILE B 252 -17.97 5.59 -36.83
N THR B 253 -17.07 5.97 -35.92
CA THR B 253 -17.42 6.87 -34.79
C THR B 253 -16.73 8.24 -34.78
N GLY B 254 -15.80 8.47 -35.70
CA GLY B 254 -15.03 9.72 -35.68
C GLY B 254 -15.85 11.01 -35.66
N ALA B 255 -16.92 11.05 -36.43
CA ALA B 255 -17.75 12.26 -36.55
C ALA B 255 -18.50 12.59 -35.26
N ALA B 256 -18.71 11.57 -34.44
CA ALA B 256 -19.39 11.72 -33.16
C ALA B 256 -18.56 12.43 -32.10
N GLU B 257 -17.24 12.43 -32.25
CA GLU B 257 -16.35 12.97 -31.22
C GLU B 257 -16.65 14.44 -30.84
N PRO B 258 -16.72 15.35 -31.83
CA PRO B 258 -17.00 16.74 -31.45
C PRO B 258 -18.42 16.97 -30.95
N VAL B 259 -19.37 16.12 -31.36
CA VAL B 259 -20.77 16.29 -30.96
C VAL B 259 -20.88 15.95 -29.49
N LEU B 260 -20.28 14.85 -29.10
CA LEU B 260 -20.27 14.46 -27.71
C LEU B 260 -19.49 15.46 -26.84
N ARG B 261 -18.31 15.85 -27.28
CA ARG B 261 -17.47 16.78 -26.53
C ARG B 261 -18.19 18.13 -26.31
N GLY B 262 -18.86 18.62 -27.35
CA GLY B 262 -19.56 19.90 -27.28
C GLY B 262 -20.82 19.87 -26.43
N HIS B 263 -21.46 18.71 -26.34
CA HIS B 263 -22.74 18.59 -25.67
C HIS B 263 -22.67 18.54 -24.15
N VAL B 264 -21.62 17.92 -23.63
CA VAL B 264 -21.52 17.63 -22.20
C VAL B 264 -20.81 18.80 -21.51
N PRO B 265 -21.51 19.51 -20.61
CA PRO B 265 -20.84 20.65 -19.95
C PRO B 265 -19.55 20.28 -19.19
N GLY B 266 -19.53 19.09 -18.58
CA GLY B 266 -18.36 18.61 -17.83
C GLY B 266 -17.16 18.28 -18.69
N ALA B 267 -17.31 18.29 -20.01
CA ALA B 267 -16.18 18.17 -20.94
C ALA B 267 -15.44 19.49 -21.13
N ARG B 268 -16.10 20.61 -20.85
CA ARG B 268 -15.62 21.91 -21.31
C ARG B 268 -14.21 22.19 -20.80
N GLY B 269 -13.99 21.95 -19.52
CA GLY B 269 -12.71 22.27 -18.89
C GLY B 269 -11.64 21.18 -18.90
N GLN B 270 -11.88 20.07 -19.59
CA GLN B 270 -11.00 18.90 -19.56
C GLN B 270 -10.03 18.92 -20.70
N SER B 271 -8.88 18.32 -20.49
CA SER B 271 -7.86 18.19 -21.50
C SER B 271 -8.01 16.88 -22.28
N HIS B 272 -8.80 16.95 -23.34
CA HIS B 272 -9.12 15.77 -24.17
C HIS B 272 -7.93 15.26 -24.93
N VAL B 273 -7.97 14.00 -25.32
CA VAL B 273 -6.87 13.37 -26.04
C VAL B 273 -7.39 12.64 -27.27
N THR B 274 -6.50 12.48 -28.24
CA THR B 274 -6.75 11.60 -29.37
C THR B 274 -5.73 10.47 -29.27
N ILE B 275 -6.23 9.24 -29.23
CA ILE B 275 -5.36 8.08 -29.14
C ILE B 275 -4.84 7.75 -30.55
N ALA B 276 -3.55 8.03 -30.76
CA ALA B 276 -2.94 7.91 -32.08
C ALA B 276 -2.67 6.47 -32.46
N GLY B 277 -2.85 6.15 -33.74
CA GLY B 277 -2.52 4.83 -34.27
C GLY B 277 -3.41 3.73 -33.80
N ALA B 278 -4.70 4.02 -33.70
CA ALA B 278 -5.66 3.02 -33.23
C ALA B 278 -6.97 3.10 -34.01
N GLY B 279 -7.52 1.93 -34.28
CA GLY B 279 -8.77 1.81 -35.00
C GLY B 279 -9.95 1.83 -34.06
N HIS B 280 -11.06 1.29 -34.54
CA HIS B 280 -12.30 1.27 -33.78
C HIS B 280 -12.10 0.60 -32.43
N PHE B 281 -11.51 -0.59 -32.45
CA PHE B 281 -11.23 -1.33 -31.21
C PHE B 281 -9.92 -0.86 -30.65
N LEU B 282 -9.92 0.40 -30.18
CA LEU B 282 -8.70 1.05 -29.78
C LEU B 282 -8.00 0.39 -28.61
N GLN B 283 -8.76 -0.36 -27.80
CA GLN B 283 -8.21 -1.08 -26.67
C GLN B 283 -7.25 -2.18 -27.12
N GLU B 284 -7.44 -2.70 -28.34
CA GLU B 284 -6.54 -3.71 -28.90
C GLU B 284 -5.26 -3.10 -29.41
N ASP B 285 -5.36 -1.93 -30.04
CA ASP B 285 -4.23 -1.29 -30.68
C ASP B 285 -3.37 -0.51 -29.69
N LYS B 286 -4.03 0.20 -28.77
CA LYS B 286 -3.35 1.14 -27.89
C LYS B 286 -3.98 1.11 -26.48
N GLY B 287 -4.20 -0.09 -25.97
CA GLY B 287 -4.81 -0.24 -24.67
C GLY B 287 -4.05 0.42 -23.53
N ARG B 288 -2.74 0.21 -23.50
CA ARG B 288 -1.94 0.83 -22.45
C ARG B 288 -2.08 2.35 -22.51
N GLU B 289 -2.02 2.90 -23.71
CA GLU B 289 -2.08 4.35 -23.89
C GLU B 289 -3.43 4.90 -23.42
N LEU B 290 -4.51 4.20 -23.74
CA LEU B 290 -5.84 4.63 -23.28
C LEU B 290 -5.93 4.53 -21.77
N ALA B 291 -5.41 3.44 -21.19
CA ALA B 291 -5.44 3.28 -19.74
C ALA B 291 -4.63 4.39 -19.06
N GLU B 292 -3.48 4.74 -19.63
CA GLU B 292 -2.68 5.84 -19.07
C GLU B 292 -3.43 7.17 -19.13
N ALA B 293 -4.16 7.42 -20.21
CA ALA B 293 -4.97 8.63 -20.31
C ALA B 293 -6.05 8.63 -19.22
N VAL B 294 -6.66 7.47 -18.95
CA VAL B 294 -7.67 7.39 -17.88
C VAL B 294 -7.06 7.71 -16.54
N VAL B 295 -5.88 7.13 -16.27
CA VAL B 295 -5.21 7.38 -14.99
C VAL B 295 -4.91 8.88 -14.83
N THR B 296 -4.35 9.48 -15.86
CA THR B 296 -4.03 10.92 -15.87
C THR B 296 -5.27 11.80 -15.59
N PHE B 297 -6.38 11.45 -16.23
CA PHE B 297 -7.68 12.10 -16.06
C PHE B 297 -8.23 11.94 -14.63
N VAL B 298 -8.14 10.73 -14.08
CA VAL B 298 -8.61 10.51 -12.71
C VAL B 298 -7.76 11.37 -11.77
N ARG B 299 -6.44 11.37 -11.95
CA ARG B 299 -5.55 12.12 -11.05
C ARG B 299 -5.74 13.62 -11.18
N ALA B 300 -6.08 14.09 -12.37
CA ALA B 300 -6.36 15.52 -12.59
C ALA B 300 -7.71 15.98 -12.01
N ASN B 301 -8.57 15.04 -11.64
CA ASN B 301 -9.90 15.33 -11.13
C ASN B 301 -10.15 14.56 -9.80
N PRO B 302 -9.41 14.92 -8.74
CA PRO B 302 -9.52 14.20 -7.48
C PRO B 302 -10.92 14.24 -6.84
N ARG B 303 -11.32 13.15 -6.20
CA ARG B 303 -12.65 13.04 -5.58
C ARG B 303 -12.79 13.86 -4.32
N ASP C 2 -4.07 41.43 34.12
CA ASP C 2 -4.46 42.01 32.86
C ASP C 2 -4.72 40.88 31.88
N VAL C 3 -5.73 41.07 31.04
CA VAL C 3 -6.25 39.98 30.22
C VAL C 3 -6.67 40.50 28.84
N LEU C 4 -6.22 39.81 27.81
CA LEU C 4 -6.59 40.09 26.43
C LEU C 4 -7.62 39.06 25.93
N ARG C 5 -8.43 39.50 24.99
CA ARG C 5 -9.37 38.64 24.31
C ARG C 5 -9.09 38.72 22.82
N THR C 6 -8.91 37.57 22.19
CA THR C 6 -8.58 37.53 20.78
C THR C 6 -9.81 38.03 20.01
N PRO C 7 -9.63 38.97 19.07
CA PRO C 7 -10.79 39.45 18.31
C PRO C 7 -11.50 38.35 17.52
N ASP C 8 -12.83 38.37 17.51
CA ASP C 8 -13.62 37.33 16.83
C ASP C 8 -13.31 37.21 15.35
N GLU C 9 -12.90 38.30 14.72
CA GLU C 9 -12.52 38.25 13.27
C GLU C 9 -11.40 37.21 12.99
N ARG C 10 -10.60 36.87 14.00
CA ARG C 10 -9.56 35.87 13.81
C ARG C 10 -10.11 34.47 13.54
N PHE C 11 -11.38 34.23 13.93
CA PHE C 11 -11.95 32.87 13.87
C PHE C 11 -12.98 32.70 12.75
N THR C 12 -13.00 33.62 11.80
CA THR C 12 -13.97 33.56 10.69
C THR C 12 -13.62 32.42 9.72
N ALA C 13 -14.62 31.61 9.41
CA ALA C 13 -14.51 30.55 8.39
C ALA C 13 -13.34 29.58 8.56
N LEU C 14 -13.10 29.09 9.78
CA LEU C 14 -12.10 28.05 9.99
C LEU C 14 -12.59 26.74 9.38
N PRO C 15 -11.74 26.05 8.62
CA PRO C 15 -12.27 24.87 7.92
C PRO C 15 -12.59 23.73 8.87
N ASP C 16 -13.61 22.96 8.50
CA ASP C 16 -13.93 21.72 9.16
C ASP C 16 -14.23 21.93 10.65
N PHE C 17 -14.83 23.06 10.97
CA PHE C 17 -15.09 23.42 12.36
C PHE C 17 -16.39 24.20 12.48
N PRO C 18 -17.53 23.55 12.17
CA PRO C 18 -18.84 24.20 12.18
C PRO C 18 -19.51 24.08 13.54
N PHE C 19 -18.80 24.44 14.60
CA PHE C 19 -19.28 24.26 15.94
C PHE C 19 -19.42 25.63 16.58
N ALA C 20 -20.63 25.93 17.07
CA ALA C 20 -20.94 27.23 17.63
C ALA C 20 -20.13 27.46 18.90
N PRO C 21 -19.55 28.66 19.05
CA PRO C 21 -18.85 28.95 20.29
C PRO C 21 -19.79 29.11 21.48
N ARG C 22 -19.44 28.49 22.60
CA ARG C 22 -20.12 28.69 23.86
C ARG C 22 -19.11 29.15 24.88
N TYR C 23 -19.60 29.80 25.93
CA TYR C 23 -18.72 30.43 26.90
C TYR C 23 -19.22 30.26 28.30
N VAL C 24 -18.28 30.14 29.23
CA VAL C 24 -18.55 30.25 30.66
C VAL C 24 -17.58 31.22 31.29
N GLU C 25 -17.94 31.76 32.44
CA GLU C 25 -17.06 32.70 33.16
C GLU C 25 -16.58 32.06 34.44
N VAL C 26 -15.30 32.24 34.73
CA VAL C 26 -14.71 31.72 35.93
C VAL C 26 -13.94 32.81 36.65
N ASP C 27 -13.71 32.61 37.94
CA ASP C 27 -12.87 33.54 38.72
C ASP C 27 -11.45 33.57 38.19
N SER C 28 -10.87 34.76 38.05
CA SER C 28 -9.51 34.89 37.59
C SER C 28 -8.51 34.37 38.62
N GLY C 29 -8.89 34.49 39.88
CA GLY C 29 -7.99 34.16 41.00
C GLY C 29 -7.46 35.38 41.73
N ASP C 30 -7.62 36.56 41.15
CA ASP C 30 -7.19 37.77 41.83
C ASP C 30 -8.27 38.86 41.78
N GLY C 31 -9.53 38.44 41.77
CA GLY C 31 -10.63 39.35 42.00
C GLY C 31 -11.43 39.70 40.75
N GLY C 32 -10.98 39.23 39.59
CA GLY C 32 -11.71 39.45 38.34
C GLY C 32 -12.27 38.15 37.78
N THR C 33 -12.63 38.20 36.50
CA THR C 33 -13.30 37.10 35.81
C THR C 33 -12.62 36.83 34.49
N LEU C 34 -12.60 35.57 34.06
CA LEU C 34 -12.10 35.19 32.74
C LEU C 34 -13.16 34.44 32.01
N ARG C 35 -13.31 34.70 30.72
CA ARG C 35 -14.21 33.92 29.88
C ARG C 35 -13.45 32.75 29.26
N HIS C 37 -13.91 29.48 26.47
CA HIS C 37 -14.68 28.99 25.33
C HIS C 37 -14.77 27.49 25.41
N TYR C 38 -15.93 26.98 25.03
CA TYR C 38 -16.13 25.55 24.87
C TYR C 38 -17.11 25.25 23.74
N LEU C 39 -17.07 24.00 23.28
CA LEU C 39 -17.97 23.44 22.30
C LEU C 39 -18.81 22.40 23.00
N ASP C 40 -20.09 22.30 22.60
CA ASP C 40 -21.03 21.35 23.20
C ASP C 40 -21.87 20.82 22.06
N GLU C 41 -21.63 19.57 21.65
CA GLU C 41 -22.23 19.03 20.45
C GLU C 41 -22.81 17.66 20.70
N GLY C 42 -23.87 17.34 19.96
CA GLY C 42 -24.53 16.03 20.06
C GLY C 42 -25.75 16.07 20.95
N ARG C 43 -26.38 14.92 21.07
CA ARG C 43 -27.64 14.81 21.77
C ARG C 43 -27.46 15.25 23.24
N SER C 44 -28.37 16.11 23.69
CA SER C 44 -28.21 16.83 24.95
C SER C 44 -28.23 15.88 26.16
N ASP C 45 -28.84 14.71 26.00
CA ASP C 45 -28.87 13.69 27.03
C ASP C 45 -27.80 12.62 26.84
N GLY C 46 -26.86 12.87 25.94
CA GLY C 46 -25.84 11.87 25.64
C GLY C 46 -24.81 11.80 26.74
N GLU C 47 -24.14 10.66 26.84
CA GLU C 47 -23.02 10.55 27.78
C GLU C 47 -21.96 11.53 27.36
N VAL C 48 -21.43 12.26 28.34
CA VAL C 48 -20.50 13.34 28.08
C VAL C 48 -19.10 12.78 27.82
N VAL C 49 -18.50 13.21 26.72
CA VAL C 49 -17.09 12.97 26.45
C VAL C 49 -16.41 14.32 26.50
N LEU C 50 -15.53 14.52 27.47
CA LEU C 50 -14.84 15.78 27.65
C LEU C 50 -13.47 15.72 27.00
N LEU C 51 -13.24 16.61 26.04
CA LEU C 51 -12.06 16.57 25.19
C LEU C 51 -11.14 17.73 25.58
N LEU C 52 -10.00 17.40 26.18
CA LEU C 52 -9.08 18.43 26.65
C LEU C 52 -7.82 18.46 25.81
N HIS C 53 -7.48 19.65 25.33
CA HIS C 53 -6.29 19.87 24.52
C HIS C 53 -5.19 20.40 25.42
N GLY C 54 -3.98 20.46 24.88
CA GLY C 54 -2.84 20.99 25.61
C GLY C 54 -2.11 22.10 24.85
N GLU C 55 -0.79 22.09 24.99
CA GLU C 55 0.10 23.10 24.46
C GLU C 55 0.50 22.80 23.01
N PRO C 56 0.53 23.81 22.13
CA PRO C 56 -0.07 25.16 22.15
C PRO C 56 -1.30 25.12 21.25
N SER C 57 -2.17 24.17 21.50
CA SER C 57 -3.30 23.92 20.60
C SER C 57 -4.57 24.57 21.17
N TRP C 58 -5.73 24.16 20.65
CA TRP C 58 -7.01 24.50 21.24
C TRP C 58 -8.03 23.48 20.76
N SER C 59 -9.32 23.71 21.03
CA SER C 59 -10.35 22.71 20.72
C SER C 59 -10.47 22.36 19.24
N TYR C 60 -9.94 23.22 18.38
CA TYR C 60 -9.77 22.91 16.96
C TYR C 60 -9.11 21.55 16.70
N LEU C 61 -8.19 21.18 17.56
CA LEU C 61 -7.49 19.88 17.51
C LEU C 61 -8.42 18.68 17.50
N TYR C 62 -9.61 18.85 18.09
CA TYR C 62 -10.58 17.78 18.21
C TYR C 62 -11.60 17.74 17.08
N ARG C 63 -11.42 18.56 16.06
CA ARG C 63 -12.44 18.71 15.01
C ARG C 63 -12.74 17.43 14.21
N TRP C 64 -11.74 16.56 14.04
CA TRP C 64 -12.00 15.29 13.35
C TRP C 64 -12.70 14.26 14.24
N ILE C 66 -14.91 15.03 16.90
CA ILE C 66 -16.26 15.39 17.34
C ILE C 66 -17.38 14.73 16.50
N PRO C 67 -17.29 14.73 15.16
CA PRO C 67 -18.41 14.18 14.40
C PRO C 67 -18.58 12.68 14.63
N VAL C 68 -17.49 11.97 14.85
CA VAL C 68 -17.52 10.54 15.14
C VAL C 68 -18.24 10.30 16.49
N LEU C 69 -17.92 11.11 17.47
CA LEU C 69 -18.54 11.00 18.79
C LEU C 69 -20.05 11.31 18.74
N VAL C 70 -20.39 12.38 18.03
CA VAL C 70 -21.78 12.78 17.87
C VAL C 70 -22.60 11.72 17.11
N GLU C 71 -22.04 11.16 16.05
CA GLU C 71 -22.75 10.13 15.27
C GLU C 71 -23.04 8.92 16.14
N ALA C 72 -22.14 8.65 17.09
CA ALA C 72 -22.30 7.54 18.02
C ALA C 72 -23.29 7.83 19.16
N GLY C 73 -23.87 9.01 19.18
CA GLY C 73 -24.91 9.35 20.15
C GLY C 73 -24.34 9.88 21.46
N LEU C 74 -23.07 10.28 21.44
CA LEU C 74 -22.41 10.85 22.60
C LEU C 74 -22.48 12.36 22.54
N ARG C 75 -22.27 12.99 23.68
CA ARG C 75 -22.24 14.44 23.78
C ARG C 75 -20.78 14.88 23.93
N ALA C 76 -20.27 15.57 22.92
CA ALA C 76 -18.87 15.98 22.90
C ALA C 76 -18.74 17.38 23.42
N VAL C 77 -17.92 17.55 24.45
CA VAL C 77 -17.66 18.83 25.06
C VAL C 77 -16.15 19.04 25.01
N ALA C 78 -15.72 20.16 24.43
CA ALA C 78 -14.30 20.49 24.34
C ALA C 78 -14.09 21.89 24.91
N ILE C 79 -13.12 22.05 25.80
CA ILE C 79 -12.96 23.31 26.51
C ILE C 79 -11.57 23.86 26.19
N ASP C 80 -11.50 25.14 25.84
CA ASP C 80 -10.21 25.80 25.63
C ASP C 80 -9.61 26.27 26.95
N LEU C 81 -8.37 25.86 27.20
CA LEU C 81 -7.62 26.34 28.35
C LEU C 81 -7.49 27.87 28.32
N VAL C 82 -7.43 28.45 29.50
CA VAL C 82 -7.10 29.86 29.64
C VAL C 82 -5.75 30.07 28.96
N GLY C 83 -5.62 31.10 28.14
CA GLY C 83 -4.42 31.36 27.37
C GLY C 83 -4.48 30.86 25.94
N PHE C 84 -5.55 30.15 25.58
CA PHE C 84 -5.58 29.40 24.32
C PHE C 84 -6.89 29.54 23.59
N GLY C 85 -6.87 29.25 22.29
CA GLY C 85 -8.11 29.16 21.55
C GLY C 85 -8.93 30.43 21.58
N ARG C 86 -10.21 30.29 21.92
CA ARG C 86 -11.11 31.40 22.04
C ARG C 86 -11.35 31.81 23.51
N SER C 87 -10.58 31.24 24.43
CA SER C 87 -10.62 31.67 25.83
C SER C 87 -9.83 32.94 26.04
N ASP C 88 -10.13 33.66 27.12
CA ASP C 88 -9.36 34.84 27.50
C ASP C 88 -7.91 34.49 27.87
N LYS C 89 -7.05 35.49 27.74
CA LYS C 89 -5.62 35.30 27.76
C LYS C 89 -4.93 36.33 28.67
N PRO C 90 -4.69 35.94 29.93
CA PRO C 90 -3.86 36.73 30.82
C PRO C 90 -2.54 37.10 30.12
N THR C 91 -2.05 38.31 30.36
CA THR C 91 -0.93 38.85 29.62
C THR C 91 0.44 38.57 30.23
N SER C 92 0.47 38.16 31.50
CA SER C 92 1.75 37.90 32.17
C SER C 92 2.01 36.41 32.28
N ARG C 93 3.24 35.99 31.98
CA ARG C 93 3.61 34.58 32.17
C ARG C 93 3.37 34.11 33.61
N ASP C 94 3.54 35.01 34.56
CA ASP C 94 3.41 34.68 35.97
C ASP C 94 1.98 34.44 36.40
N ASP C 95 1.00 34.79 35.56
CA ASP C 95 -0.41 34.49 35.79
C ASP C 95 -0.72 32.99 35.56
N TYR C 96 0.15 32.29 34.83
CA TYR C 96 -0.06 30.89 34.52
C TYR C 96 0.76 29.97 35.43
N THR C 97 0.06 29.10 36.15
CA THR C 97 0.68 28.07 36.98
C THR C 97 -0.12 26.80 36.78
N TYR C 98 0.47 25.68 37.17
CA TYR C 98 -0.23 24.40 37.11
C TYR C 98 -1.52 24.49 37.95
N GLN C 99 -1.38 25.00 39.17
CA GLN C 99 -2.53 25.16 40.07
C GLN C 99 -3.63 25.99 39.45
N ALA C 100 -3.25 27.10 38.83
CA ALA C 100 -4.24 28.01 38.26
C ALA C 100 -5.02 27.31 37.14
N HIS C 101 -4.32 26.57 36.29
CA HIS C 101 -4.99 25.84 35.18
C HIS C 101 -5.95 24.79 35.70
N VAL C 102 -5.53 24.05 36.71
CA VAL C 102 -6.38 23.08 37.39
C VAL C 102 -7.63 23.75 37.96
N ASP C 103 -7.46 24.87 38.64
CA ASP C 103 -8.59 25.58 39.23
C ASP C 103 -9.53 26.18 38.16
N TRP C 104 -8.94 26.74 37.11
CA TRP C 104 -9.75 27.31 36.01
C TRP C 104 -10.55 26.20 35.32
N TRP C 106 -11.41 23.16 36.46
CA TRP C 106 -12.43 22.63 37.35
C TRP C 106 -13.62 23.58 37.41
N ALA C 107 -13.36 24.89 37.55
CA ALA C 107 -14.45 25.89 37.56
C ALA C 107 -15.29 25.84 36.29
N ALA C 108 -14.64 25.67 35.14
CA ALA C 108 -15.37 25.55 33.86
C ALA C 108 -16.28 24.34 33.85
N ILE C 109 -15.74 23.20 34.26
CA ILE C 109 -16.51 21.95 34.29
C ILE C 109 -17.74 22.08 35.20
N GLU C 110 -17.52 22.66 36.38
CA GLU C 110 -18.60 22.91 37.32
C GLU C 110 -19.65 23.88 36.78
N GLU C 111 -19.20 24.95 36.11
CA GLU C 111 -20.11 25.96 35.60
C GLU C 111 -20.95 25.43 34.43
N ILE C 112 -20.32 24.65 33.54
CA ILE C 112 -21.05 24.00 32.46
C ILE C 112 -22.03 22.99 33.05
N GLY C 113 -21.65 22.35 34.15
CA GLY C 113 -22.51 21.43 34.86
C GLY C 113 -22.40 19.98 34.38
N LEU C 114 -21.19 19.56 34.04
CA LEU C 114 -20.97 18.23 33.50
C LEU C 114 -20.97 17.19 34.63
N ALA C 115 -21.53 16.02 34.32
CA ALA C 115 -21.57 14.90 35.24
C ALA C 115 -21.16 13.61 34.54
N ASP C 116 -20.63 12.66 35.30
CA ASP C 116 -20.34 11.32 34.81
C ASP C 116 -19.58 11.35 33.51
N VAL C 117 -18.46 12.05 33.55
CA VAL C 117 -17.70 12.42 32.39
C VAL C 117 -16.76 11.32 31.92
N THR C 118 -16.68 11.15 30.59
CA THR C 118 -15.61 10.39 29.95
C THR C 118 -14.54 11.36 29.45
N LEU C 119 -13.43 11.41 30.19
CA LEU C 119 -12.33 12.32 29.86
C LEU C 119 -11.47 11.73 28.75
N VAL C 120 -11.17 12.54 27.74
CA VAL C 120 -10.21 12.20 26.72
C VAL C 120 -9.18 13.30 26.78
N CYS C 121 -7.92 12.94 27.03
CA CYS C 121 -6.93 13.95 27.26
C CYS C 121 -5.60 13.65 26.60
N GLN C 122 -4.88 14.71 26.25
CA GLN C 122 -3.61 14.63 25.53
C GLN C 122 -2.74 15.82 25.97
N ASP C 123 -1.43 15.60 26.07
CA ASP C 123 -0.50 16.71 26.37
C ASP C 123 -0.97 17.34 27.71
N TRP C 124 -0.92 18.66 27.82
CA TRP C 124 -1.37 19.35 29.03
C TRP C 124 -2.86 19.11 29.37
N GLY C 125 -3.66 18.75 28.38
CA GLY C 125 -5.02 18.35 28.65
C GLY C 125 -5.07 17.23 29.68
N GLY C 126 -4.08 16.34 29.62
CA GLY C 126 -3.95 15.25 30.59
C GLY C 126 -3.18 15.61 31.84
N LEU C 127 -2.15 16.44 31.73
CA LEU C 127 -1.50 16.89 32.97
C LEU C 127 -2.52 17.56 33.87
N ILE C 128 -3.43 18.33 33.29
CA ILE C 128 -4.50 18.96 34.03
C ILE C 128 -5.61 17.96 34.33
N GLY C 129 -6.08 17.29 33.29
CA GLY C 129 -7.24 16.39 33.42
C GLY C 129 -7.00 15.24 34.37
N LEU C 130 -5.84 14.62 34.29
CA LEU C 130 -5.54 13.48 35.18
C LEU C 130 -5.36 13.90 36.63
N ARG C 131 -4.82 15.09 36.86
CA ARG C 131 -4.86 15.67 38.19
C ARG C 131 -6.30 15.87 38.70
N LEU C 132 -7.20 16.35 37.84
CA LEU C 132 -8.59 16.52 38.22
C LEU C 132 -9.26 15.16 38.51
N VAL C 133 -8.88 14.11 37.79
CA VAL C 133 -9.44 12.78 38.06
C VAL C 133 -8.97 12.36 39.47
N GLY C 134 -7.70 12.61 39.79
CA GLY C 134 -7.18 12.31 41.14
C GLY C 134 -7.88 13.11 42.23
N GLU C 135 -8.18 14.37 41.96
CA GLU C 135 -8.78 15.25 42.96
C GLU C 135 -10.30 15.15 43.06
N HIS C 136 -10.97 14.74 41.98
CA HIS C 136 -12.44 14.66 41.93
C HIS C 136 -12.88 13.39 41.20
N PRO C 137 -12.49 12.23 41.72
CA PRO C 137 -12.75 11.00 40.97
C PRO C 137 -14.24 10.74 40.71
N ASP C 138 -15.10 11.21 41.59
CA ASP C 138 -16.56 10.99 41.42
C ASP C 138 -17.14 11.65 40.19
N ARG C 139 -16.47 12.66 39.66
CA ARG C 139 -16.93 13.36 38.47
C ARG C 139 -16.70 12.59 37.17
N PHE C 140 -15.76 11.64 37.20
CA PHE C 140 -15.32 10.95 35.99
C PHE C 140 -15.79 9.49 35.95
N ALA C 141 -16.64 9.18 34.96
CA ALA C 141 -17.11 7.81 34.77
C ALA C 141 -16.02 6.93 34.13
N ARG C 142 -15.24 7.52 33.21
CA ARG C 142 -14.20 6.82 32.47
C ARG C 142 -13.11 7.78 32.06
N VAL C 143 -11.93 7.26 31.74
CA VAL C 143 -10.80 8.10 31.33
C VAL C 143 -10.06 7.45 30.16
N VAL C 144 -9.77 8.27 29.14
CA VAL C 144 -8.92 7.89 28.03
C VAL C 144 -7.72 8.81 28.07
N ALA C 145 -6.53 8.22 28.18
CA ALA C 145 -5.28 8.97 28.14
C ALA C 145 -4.56 8.68 26.82
N ALA C 146 -4.16 9.73 26.13
CA ALA C 146 -3.47 9.61 24.85
C ALA C 146 -2.33 10.61 24.77
N ASN C 147 -1.09 10.11 24.78
CA ASN C 147 0.11 10.95 24.66
C ASN C 147 0.09 12.04 25.70
N THR C 148 0.13 11.60 26.93
CA THR C 148 0.08 12.47 28.07
C THR C 148 0.72 11.77 29.27
N LEU C 150 1.10 12.30 34.02
CA LEU C 150 0.91 13.08 35.23
C LEU C 150 2.24 13.05 35.96
N PRO C 151 3.16 13.96 35.59
CA PRO C 151 4.47 13.93 36.24
C PRO C 151 4.43 14.56 37.62
N THR C 152 5.17 13.97 38.56
CA THR C 152 5.29 14.54 39.89
C THR C 152 6.56 15.39 40.04
N GLY C 153 7.48 15.26 39.10
CA GLY C 153 8.79 15.89 39.18
C GLY C 153 9.83 14.93 39.76
N ASP C 154 9.40 13.74 40.15
CA ASP C 154 10.33 12.75 40.70
C ASP C 154 11.16 11.97 39.68
N HIS C 155 10.80 12.04 38.40
CA HIS C 155 11.58 11.38 37.33
C HIS C 155 11.98 12.36 36.22
N HIS C 156 13.13 12.10 35.61
CA HIS C 156 13.64 12.86 34.48
C HIS C 156 12.62 12.78 33.34
N PRO C 157 12.28 13.92 32.70
CA PRO C 157 11.23 13.93 31.68
C PRO C 157 11.66 13.37 30.32
N GLY C 158 12.95 13.18 30.12
CA GLY C 158 13.50 12.68 28.87
C GLY C 158 14.07 13.79 27.99
N GLU C 159 15.00 13.44 27.12
CA GLU C 159 15.64 14.40 26.22
C GLU C 159 14.66 15.05 25.24
N ALA C 160 13.67 14.29 24.81
CA ALA C 160 12.71 14.81 23.83
C ALA C 160 11.92 15.99 24.40
N PHE C 161 11.43 15.84 25.63
CA PHE C 161 10.78 16.96 26.28
C PHE C 161 11.71 18.15 26.45
N LEU C 162 12.95 17.92 26.90
CA LEU C 162 13.89 19.03 27.12
C LEU C 162 14.20 19.82 25.85
N ALA C 163 14.26 19.14 24.70
CA ALA C 163 14.51 19.79 23.43
C ALA C 163 13.34 20.71 23.06
N TRP C 164 12.13 20.22 23.28
CA TRP C 164 10.93 21.03 23.09
C TRP C 164 10.94 22.22 24.04
N GLN C 165 11.23 21.96 25.32
CA GLN C 165 11.22 23.04 26.31
C GLN C 165 12.17 24.17 25.91
N LYS C 166 13.42 23.81 25.58
CA LYS C 166 14.41 24.79 25.14
C LYS C 166 13.94 25.59 23.92
N PHE C 167 13.43 24.90 22.90
CA PHE C 167 12.93 25.57 21.70
C PHE C 167 11.83 26.58 22.06
N SER C 168 10.90 26.16 22.94
CA SER C 168 9.74 26.97 23.26
C SER C 168 10.14 28.31 23.89
N GLN C 169 11.30 28.33 24.57
CA GLN C 169 11.80 29.52 25.22
C GLN C 169 12.71 30.34 24.29
N GLU C 170 13.48 29.65 23.45
CA GLU C 170 14.49 30.32 22.63
C GLU C 170 13.98 30.87 21.30
N VAL C 171 12.94 30.26 20.74
CA VAL C 171 12.51 30.66 19.40
C VAL C 171 12.07 32.13 19.43
N PRO C 172 12.61 32.96 18.52
CA PRO C 172 12.25 34.38 18.57
C PRO C 172 10.76 34.63 18.41
N LEU C 173 10.14 33.98 17.43
CA LEU C 173 8.71 34.12 17.20
C LEU C 173 8.08 32.76 17.43
N PHE C 174 7.04 32.71 18.24
CA PHE C 174 6.42 31.45 18.63
C PHE C 174 5.34 31.10 17.60
N PRO C 175 5.57 30.04 16.78
CA PRO C 175 4.62 29.73 15.70
C PRO C 175 3.75 28.54 16.07
N ALA C 176 2.58 28.80 16.66
CA ALA C 176 1.79 27.71 17.26
C ALA C 176 1.42 26.66 16.23
N GLY C 177 0.98 27.11 15.06
CA GLY C 177 0.59 26.17 14.01
C GLY C 177 1.76 25.29 13.55
N GLN C 178 2.92 25.90 13.32
CA GLN C 178 4.08 25.10 12.91
C GLN C 178 4.59 24.19 14.02
N ILE C 179 4.37 24.56 15.28
CA ILE C 179 4.66 23.65 16.39
C ILE C 179 3.77 22.41 16.36
N VAL C 180 2.48 22.61 16.11
CA VAL C 180 1.57 21.48 15.97
C VAL C 180 1.99 20.62 14.77
N ASN C 181 2.28 21.24 13.63
CA ASN C 181 2.82 20.50 12.49
C ASN C 181 4.10 19.73 12.83
N GLY C 182 4.95 20.36 13.64
CA GLY C 182 6.17 19.75 14.10
C GLY C 182 5.96 18.44 14.84
N GLY C 183 4.83 18.32 15.53
CA GLY C 183 4.53 17.14 16.35
C GLY C 183 3.49 16.23 15.73
N SER C 184 3.29 16.38 14.41
CA SER C 184 2.36 15.55 13.64
C SER C 184 3.20 14.84 12.56
N LEU C 185 2.85 13.61 12.22
CA LEU C 185 3.44 12.95 11.05
C LEU C 185 2.86 13.45 9.72
N SER C 186 1.58 13.80 9.72
CA SER C 186 0.95 14.30 8.49
C SER C 186 1.41 15.74 8.27
N THR C 187 1.32 16.20 7.03
CA THR C 187 1.59 17.60 6.72
C THR C 187 0.30 18.39 6.89
N LEU C 188 0.28 19.28 7.87
CA LEU C 188 -0.91 20.11 8.10
C LEU C 188 -1.06 21.11 6.99
N SER C 189 -2.31 21.36 6.59
CA SER C 189 -2.56 22.28 5.50
C SER C 189 -2.28 23.70 5.96
N ALA C 190 -2.09 24.59 5.00
CA ALA C 190 -1.87 25.99 5.30
C ALA C 190 -3.04 26.56 6.14
N GLU C 191 -4.26 26.16 5.80
CA GLU C 191 -5.45 26.62 6.54
C GLU C 191 -5.45 26.11 7.98
N THR C 192 -4.95 24.89 8.20
CA THR C 192 -4.89 24.31 9.52
C THR C 192 -3.85 25.05 10.37
N ILE C 193 -2.69 25.30 9.80
CA ILE C 193 -1.68 26.09 10.48
C ILE C 193 -2.26 27.43 10.91
N ALA C 194 -2.99 28.06 10.01
CA ALA C 194 -3.59 29.37 10.28
C ALA C 194 -4.63 29.28 11.41
N ALA C 195 -5.35 28.16 11.48
CA ALA C 195 -6.35 27.98 12.52
C ALA C 195 -5.68 27.89 13.89
N TYR C 196 -4.48 27.33 13.95
CA TYR C 196 -3.73 27.28 15.21
C TYR C 196 -3.06 28.62 15.55
N ASP C 197 -2.81 29.44 14.54
CA ASP C 197 -2.28 30.77 14.76
C ASP C 197 -3.37 31.79 15.07
N ALA C 198 -4.62 31.45 14.75
CA ALA C 198 -5.74 32.38 14.91
C ALA C 198 -5.86 32.97 16.32
N PRO C 199 -5.63 32.15 17.37
CA PRO C 199 -5.74 32.74 18.73
C PRO C 199 -4.71 33.83 19.05
N PHE C 200 -3.63 33.89 18.28
CA PHE C 200 -2.44 34.66 18.64
C PHE C 200 -2.05 35.70 17.59
N PRO C 201 -2.80 36.81 17.51
CA PRO C 201 -2.44 37.85 16.52
C PRO C 201 -1.01 38.35 16.65
N ASP C 202 -0.48 38.36 17.86
CA ASP C 202 0.91 38.70 18.10
C ASP C 202 1.36 38.14 19.45
N ALA C 203 2.60 38.42 19.81
CA ALA C 203 3.19 37.85 21.01
C ALA C 203 2.48 38.21 22.32
N SER C 204 1.74 39.32 22.33
CA SER C 204 1.10 39.77 23.56
C SER C 204 0.02 38.79 24.02
N TYR C 205 -0.46 37.97 23.08
CA TYR C 205 -1.47 36.96 23.36
C TYR C 205 -0.90 35.60 23.73
N GLN C 206 0.43 35.49 23.77
CA GLN C 206 1.08 34.18 23.85
C GLN C 206 1.76 33.88 25.19
N ALA C 207 1.43 34.63 26.24
CA ALA C 207 2.08 34.40 27.53
C ALA C 207 1.79 33.00 28.06
N GLY C 208 0.56 32.51 27.89
CA GLY C 208 0.23 31.16 28.31
C GLY C 208 0.97 30.10 27.53
N ALA C 209 1.07 30.32 26.21
CA ALA C 209 1.81 29.42 25.34
C ALA C 209 3.32 29.38 25.65
N ARG C 210 3.92 30.52 25.98
CA ARG C 210 5.33 30.54 26.36
C ARG C 210 5.57 29.90 27.72
N GLN C 211 4.64 30.05 28.64
CA GLN C 211 4.87 29.60 30.01
C GLN C 211 4.66 28.10 30.20
N PHE C 212 3.76 27.50 29.41
CA PHE C 212 3.40 26.09 29.67
C PHE C 212 4.60 25.14 29.84
N PRO C 213 5.59 25.22 28.93
CA PRO C 213 6.69 24.25 29.07
C PRO C 213 7.51 24.41 30.35
N LEU C 215 6.15 24.93 33.19
CA LEU C 215 5.29 24.43 34.26
C LEU C 215 5.32 22.90 34.40
N VAL C 216 5.95 22.22 33.44
CA VAL C 216 6.05 20.76 33.50
C VAL C 216 6.99 20.37 34.63
N PRO C 217 6.51 19.57 35.59
CA PRO C 217 7.44 19.22 36.68
C PRO C 217 8.52 18.30 36.20
N ILE C 218 9.77 18.75 36.33
CA ILE C 218 10.91 17.95 35.94
C ILE C 218 11.88 17.70 37.08
N SER C 219 11.56 18.18 38.25
CA SER C 219 12.40 17.99 39.41
C SER C 219 11.48 18.12 40.61
N PRO C 220 11.88 17.54 41.75
CA PRO C 220 10.96 17.47 42.88
C PRO C 220 10.82 18.81 43.64
N ASP C 221 11.50 19.86 43.16
CA ASP C 221 11.37 21.23 43.66
C ASP C 221 10.18 21.97 43.01
N ASP C 222 9.49 21.31 42.10
CA ASP C 222 8.45 21.97 41.37
C ASP C 222 7.29 22.40 42.30
N PRO C 223 6.72 23.59 42.07
CA PRO C 223 5.57 24.00 42.90
C PRO C 223 4.38 23.03 42.86
N ALA C 224 4.27 22.25 41.79
CA ALA C 224 3.18 21.27 41.64
C ALA C 224 3.50 19.91 42.24
N THR C 225 4.74 19.69 42.69
CA THR C 225 5.13 18.37 43.15
C THR C 225 4.21 17.84 44.28
N PRO C 226 3.97 18.65 45.32
CA PRO C 226 3.12 18.08 46.40
C PRO C 226 1.70 17.70 45.94
N ALA C 227 1.04 18.57 45.21
CA ALA C 227 -0.31 18.25 44.74
C ALA C 227 -0.28 17.08 43.76
N ASN C 228 0.74 17.02 42.90
CA ASN C 228 0.76 15.97 41.88
C ASN C 228 1.04 14.61 42.48
N ARG C 229 1.86 14.57 43.54
CA ARG C 229 2.08 13.32 44.24
C ARG C 229 0.78 12.80 44.85
N LYS C 230 0.01 13.70 45.43
CA LYS C 230 -1.29 13.30 46.00
C LYS C 230 -2.27 12.83 44.91
N ALA C 231 -2.36 13.57 43.81
CA ALA C 231 -3.23 13.18 42.67
C ALA C 231 -2.80 11.87 42.03
N TRP C 232 -1.48 11.64 41.94
CA TRP C 232 -0.94 10.38 41.42
C TRP C 232 -1.35 9.19 42.33
N ALA C 233 -1.21 9.38 43.65
CA ALA C 233 -1.66 8.35 44.59
C ALA C 233 -3.14 8.07 44.40
N ALA C 234 -3.94 9.11 44.23
CA ALA C 234 -5.40 8.92 44.03
C ALA C 234 -5.72 8.21 42.71
N LEU C 235 -5.00 8.55 41.64
CA LEU C 235 -5.13 7.79 40.40
C LEU C 235 -4.81 6.30 40.55
N GLY C 236 -3.90 5.98 41.45
CA GLY C 236 -3.57 4.59 41.74
C GLY C 236 -4.64 3.82 42.49
N ARG C 237 -5.70 4.53 42.90
CA ARG C 237 -6.89 3.93 43.48
C ARG C 237 -8.12 4.04 42.57
N PHE C 238 -7.95 4.56 41.35
CA PHE C 238 -9.07 4.80 40.44
C PHE C 238 -9.44 3.47 39.75
N GLU C 239 -10.61 2.92 40.12
CA GLU C 239 -11.05 1.60 39.70
C GLU C 239 -11.98 1.62 38.50
N LYS C 240 -12.44 2.81 38.11
CA LYS C 240 -13.33 2.94 36.97
C LYS C 240 -12.56 2.81 35.67
N PRO C 241 -13.28 2.62 34.55
CA PRO C 241 -12.57 2.30 33.30
C PRO C 241 -11.55 3.34 32.85
N PHE C 242 -10.37 2.85 32.49
CA PHE C 242 -9.25 3.68 32.06
C PHE C 242 -8.63 3.05 30.82
N LEU C 243 -8.59 3.80 29.73
CA LEU C 243 -8.04 3.34 28.46
C LEU C 243 -6.75 4.09 28.13
N SER C 244 -5.73 3.33 27.80
CA SER C 244 -4.50 3.87 27.22
C SER C 244 -4.60 3.82 25.70
N ALA C 245 -4.53 4.99 25.08
CA ALA C 245 -4.64 5.12 23.62
C ALA C 245 -3.57 6.06 23.08
N PHE C 246 -2.33 5.77 23.44
CA PHE C 246 -1.17 6.52 22.95
C PHE C 246 -0.85 6.14 21.51
N SER C 247 -0.13 7.00 20.82
CA SER C 247 0.32 6.71 19.46
C SER C 247 1.72 6.08 19.48
N ASP C 248 2.20 5.67 18.31
CA ASP C 248 3.47 4.97 18.21
C ASP C 248 4.67 5.84 17.84
N SER C 249 4.45 7.12 17.58
CA SER C 249 5.51 7.96 17.07
C SER C 249 5.64 9.27 17.83
N ASP C 250 5.54 9.20 19.14
CA ASP C 250 5.68 10.39 19.99
C ASP C 250 6.74 10.18 21.07
N PRO C 251 7.99 10.56 20.78
CA PRO C 251 9.10 10.40 21.73
C PRO C 251 8.93 11.18 23.04
N ILE C 252 8.13 12.25 23.02
CA ILE C 252 7.94 13.06 24.22
C ILE C 252 7.21 12.29 25.32
N THR C 253 6.20 11.49 24.96
CA THR C 253 5.33 10.83 25.93
C THR C 253 5.37 9.30 25.90
N GLY C 254 6.06 8.71 24.92
CA GLY C 254 6.04 7.26 24.76
C GLY C 254 6.45 6.48 25.99
N ALA C 255 7.45 6.96 26.73
CA ALA C 255 7.94 6.23 27.91
C ALA C 255 6.95 6.24 29.07
N ALA C 256 6.08 7.23 29.08
CA ALA C 256 5.02 7.36 30.07
C ALA C 256 3.91 6.31 29.95
N GLU C 257 3.73 5.76 28.75
CA GLU C 257 2.57 4.91 28.49
C GLU C 257 2.48 3.71 29.46
N PRO C 258 3.56 2.94 29.60
CA PRO C 258 3.45 1.74 30.46
C PRO C 258 3.40 2.08 31.95
N VAL C 259 3.94 3.24 32.33
CA VAL C 259 3.86 3.69 33.71
C VAL C 259 2.41 4.02 34.07
N LEU C 260 1.75 4.81 33.23
CA LEU C 260 0.35 5.16 33.43
C LEU C 260 -0.58 3.93 33.39
N ARG C 261 -0.41 3.10 32.38
CA ARG C 261 -1.26 1.89 32.24
C ARG C 261 -1.12 0.96 33.44
N GLY C 262 0.11 0.77 33.91
CA GLY C 262 0.35 -0.09 35.05
C GLY C 262 -0.13 0.46 36.40
N HIS C 263 -0.24 1.77 36.51
CA HIS C 263 -0.55 2.42 37.76
C HIS C 263 -2.03 2.42 38.11
N VAL C 264 -2.89 2.54 37.09
CA VAL C 264 -4.34 2.76 37.30
C VAL C 264 -5.08 1.42 37.35
N PRO C 265 -5.66 1.09 38.52
CA PRO C 265 -6.32 -0.22 38.61
C PRO C 265 -7.44 -0.44 37.59
N GLY C 266 -8.17 0.63 37.27
CA GLY C 266 -9.23 0.57 36.27
C GLY C 266 -8.78 0.31 34.84
N ALA C 267 -7.47 0.34 34.58
CA ALA C 267 -6.95 -0.06 33.29
C ALA C 267 -7.03 -1.58 33.07
N ARG C 268 -7.14 -2.35 34.17
CA ARG C 268 -7.25 -3.82 34.09
C ARG C 268 -8.42 -4.26 33.23
N GLY C 269 -8.17 -5.06 32.20
CA GLY C 269 -9.22 -5.64 31.35
C GLY C 269 -9.69 -4.77 30.20
N GLN C 270 -9.17 -3.56 30.13
CA GLN C 270 -9.55 -2.67 29.09
C GLN C 270 -8.69 -2.92 27.86
N SER C 271 -9.25 -2.66 26.68
CA SER C 271 -8.57 -3.01 25.44
C SER C 271 -7.73 -1.87 24.96
N HIS C 272 -6.55 -1.76 25.56
CA HIS C 272 -5.68 -0.65 25.28
C HIS C 272 -5.20 -0.79 23.84
N VAL C 273 -5.03 0.36 23.23
CA VAL C 273 -4.66 0.43 21.82
C VAL C 273 -3.42 1.26 21.66
N THR C 274 -2.61 0.94 20.66
CA THR C 274 -1.59 1.86 20.17
C THR C 274 -2.10 2.40 18.84
N ILE C 275 -2.25 3.72 18.75
CA ILE C 275 -2.76 4.38 17.55
C ILE C 275 -1.58 4.45 16.57
N ALA C 276 -1.65 3.65 15.52
CA ALA C 276 -0.54 3.52 14.58
C ALA C 276 -0.44 4.70 13.63
N GLY C 277 0.79 5.06 13.29
CA GLY C 277 1.04 6.12 12.30
C GLY C 277 0.63 7.51 12.76
N ALA C 278 0.86 7.81 14.03
CA ALA C 278 0.53 9.12 14.56
C ALA C 278 1.60 9.65 15.50
N GLY C 279 1.82 10.96 15.43
CA GLY C 279 2.79 11.63 16.26
C GLY C 279 2.16 12.12 17.55
N HIS C 280 2.81 13.09 18.17
CA HIS C 280 2.36 13.65 19.42
C HIS C 280 0.91 14.15 19.33
N PHE C 281 0.62 14.94 18.31
CA PHE C 281 -0.72 15.48 18.09
C PHE C 281 -1.50 14.44 17.30
N LEU C 282 -1.79 13.32 17.96
CA LEU C 282 -2.36 12.18 17.28
C LEU C 282 -3.77 12.46 16.74
N GLN C 283 -4.44 13.45 17.31
CA GLN C 283 -5.78 13.85 16.84
C GLN C 283 -5.73 14.43 15.42
N GLU C 284 -4.58 14.97 15.03
CA GLU C 284 -4.41 15.47 13.66
C GLU C 284 -4.13 14.37 12.68
N ASP C 285 -3.33 13.39 13.08
CA ASP C 285 -2.90 12.32 12.21
C ASP C 285 -3.94 11.21 12.07
N LYS C 286 -4.59 10.87 13.19
CA LYS C 286 -5.47 9.70 13.26
C LYS C 286 -6.68 9.98 14.17
N GLY C 287 -7.30 11.16 13.98
CA GLY C 287 -8.42 11.59 14.82
C GLY C 287 -9.62 10.64 14.75
N ARG C 288 -9.99 10.25 13.54
CA ARG C 288 -11.11 9.31 13.36
C ARG C 288 -10.82 7.99 14.11
N GLU C 289 -9.60 7.49 13.98
CA GLU C 289 -9.22 6.25 14.61
C GLU C 289 -9.28 6.34 16.14
N LEU C 290 -8.80 7.46 16.69
CA LEU C 290 -8.84 7.65 18.13
C LEU C 290 -10.30 7.77 18.59
N ALA C 291 -11.13 8.53 17.85
CA ALA C 291 -12.53 8.68 18.23
C ALA C 291 -13.25 7.33 18.20
N GLU C 292 -12.95 6.49 17.20
CA GLU C 292 -13.55 5.17 17.12
C GLU C 292 -13.17 4.33 18.34
N ALA C 293 -11.92 4.44 18.77
CA ALA C 293 -11.47 3.72 19.96
C ALA C 293 -12.22 4.19 21.20
N VAL C 294 -12.46 5.51 21.31
CA VAL C 294 -13.22 6.07 22.42
C VAL C 294 -14.67 5.57 22.42
N VAL C 295 -15.30 5.56 21.25
CA VAL C 295 -16.65 5.05 21.14
C VAL C 295 -16.74 3.60 21.59
N THR C 296 -15.84 2.78 21.09
CA THR C 296 -15.82 1.35 21.42
C THR C 296 -15.66 1.13 22.93
N PHE C 297 -14.77 1.91 23.52
CA PHE C 297 -14.52 1.91 24.97
C PHE C 297 -15.71 2.32 25.82
N VAL C 298 -16.42 3.37 25.38
CA VAL C 298 -17.67 3.74 26.04
C VAL C 298 -18.73 2.62 25.96
N ARG C 299 -18.89 2.04 24.77
CA ARG C 299 -19.88 1.00 24.57
C ARG C 299 -19.52 -0.27 25.34
N ALA C 300 -18.22 -0.53 25.52
CA ALA C 300 -17.77 -1.73 26.24
C ALA C 300 -17.91 -1.59 27.76
N ASN C 301 -18.17 -0.38 28.22
CA ASN C 301 -18.29 -0.09 29.64
C ASN C 301 -19.58 0.66 29.97
N PRO C 302 -20.73 -0.01 29.80
CA PRO C 302 -22.01 0.70 29.91
C PRO C 302 -22.27 1.22 31.32
N ARG C 303 -23.00 2.33 31.42
CA ARG C 303 -23.43 2.90 32.69
C ARG C 303 -24.69 2.20 33.20
N ASP D 2 18.54 33.48 -14.95
CA ASP D 2 18.94 34.36 -13.86
C ASP D 2 19.21 33.51 -12.67
N VAL D 3 20.19 33.90 -11.89
CA VAL D 3 20.68 33.07 -10.79
C VAL D 3 21.08 33.94 -9.61
N LEU D 4 20.64 33.55 -8.41
CA LEU D 4 21.04 34.17 -7.16
C LEU D 4 22.00 33.31 -6.38
N ARG D 5 22.84 33.97 -5.61
CA ARG D 5 23.80 33.31 -4.72
C ARG D 5 23.59 33.82 -3.30
N THR D 6 23.35 32.89 -2.37
CA THR D 6 23.03 33.27 -1.00
C THR D 6 24.28 33.87 -0.37
N PRO D 7 24.15 35.06 0.27
CA PRO D 7 25.35 35.68 0.87
C PRO D 7 25.98 34.80 1.93
N ASP D 8 27.32 34.80 1.98
CA ASP D 8 28.05 33.99 2.95
C ASP D 8 27.70 34.30 4.39
N GLU D 9 27.30 35.54 4.69
CA GLU D 9 26.90 35.93 6.04
C GLU D 9 25.75 35.08 6.57
N ARG D 10 24.96 34.49 5.70
CA ARG D 10 23.87 33.65 6.16
C ARG D 10 24.36 32.37 6.85
N PHE D 11 25.60 31.98 6.57
CA PHE D 11 26.12 30.69 7.01
C PHE D 11 27.11 30.81 8.17
N THR D 12 27.14 31.99 8.82
CA THR D 12 28.07 32.24 9.92
C THR D 12 27.76 31.35 11.10
N ALA D 13 28.77 30.63 11.60
CA ALA D 13 28.69 29.92 12.89
C ALA D 13 27.51 28.96 13.02
N LEU D 14 27.23 28.18 11.98
CA LEU D 14 26.19 27.17 12.07
C LEU D 14 26.67 26.07 13.03
N PRO D 15 25.82 25.67 13.99
CA PRO D 15 26.29 24.70 14.96
C PRO D 15 26.56 23.32 14.37
N ASP D 16 27.55 22.64 14.94
CA ASP D 16 27.83 21.24 14.64
C ASP D 16 28.14 21.02 13.15
N PHE D 17 28.81 21.99 12.53
CA PHE D 17 29.03 21.92 11.09
C PHE D 17 30.40 22.53 10.73
N PRO D 18 31.49 21.94 11.25
CA PRO D 18 32.84 22.45 11.04
C PRO D 18 33.46 21.91 9.75
N PHE D 19 32.78 22.09 8.62
CA PHE D 19 33.23 21.56 7.35
C PHE D 19 33.42 22.70 6.38
N ALA D 20 34.61 22.79 5.82
CA ALA D 20 34.94 23.87 4.89
C ALA D 20 34.13 23.77 3.60
N PRO D 21 33.59 24.89 3.11
CA PRO D 21 32.86 24.86 1.85
C PRO D 21 33.79 24.64 0.67
N ARG D 22 33.40 23.73 -0.22
CA ARG D 22 34.08 23.52 -1.49
C ARG D 22 33.06 23.77 -2.58
N TYR D 23 33.56 24.07 -3.77
CA TYR D 23 32.71 24.41 -4.89
C TYR D 23 33.19 23.80 -6.19
N VAL D 24 32.23 23.44 -7.05
CA VAL D 24 32.50 23.08 -8.43
C VAL D 24 31.57 23.88 -9.32
N GLU D 25 31.97 24.06 -10.57
CA GLU D 25 31.15 24.77 -11.53
C GLU D 25 30.62 23.81 -12.57
N VAL D 26 29.36 23.94 -12.90
CA VAL D 26 28.71 23.10 -13.90
C VAL D 26 27.98 23.98 -14.89
N ASP D 27 27.73 23.43 -16.07
CA ASP D 27 26.97 24.13 -17.09
C ASP D 27 25.56 24.39 -16.59
N SER D 28 25.06 25.60 -16.79
CA SER D 28 23.70 25.92 -16.40
C SER D 28 22.66 25.18 -17.24
N GLY D 29 23.01 24.92 -18.51
CA GLY D 29 22.07 24.36 -19.48
C GLY D 29 21.59 25.35 -20.51
N ASP D 30 21.82 26.65 -20.31
CA ASP D 30 21.48 27.63 -21.32
C ASP D 30 22.64 28.59 -21.61
N GLY D 31 23.86 28.08 -21.48
CA GLY D 31 25.04 28.79 -21.94
C GLY D 31 25.88 29.42 -20.86
N GLY D 32 25.42 29.38 -19.62
CA GLY D 32 26.18 29.91 -18.50
C GLY D 32 26.69 28.81 -17.58
N THR D 33 27.05 29.21 -16.36
CA THR D 33 27.64 28.32 -15.38
C THR D 33 26.96 28.52 -14.04
N LEU D 34 26.83 27.43 -13.28
CA LEU D 34 26.31 27.50 -11.91
C LEU D 34 27.34 26.94 -10.97
N ARG D 35 27.47 27.55 -9.79
CA ARG D 35 28.33 27.00 -8.75
C ARG D 35 27.54 26.11 -7.81
N HIS D 37 27.86 23.81 -4.21
CA HIS D 37 28.61 23.64 -2.98
C HIS D 37 28.65 22.16 -2.63
N TYR D 38 29.78 21.73 -2.10
CA TYR D 38 29.90 20.38 -1.57
C TYR D 38 30.91 20.37 -0.41
N LEU D 39 30.83 19.31 0.37
CA LEU D 39 31.75 19.01 1.46
C LEU D 39 32.55 17.75 1.06
N ASP D 40 33.82 17.71 1.43
CA ASP D 40 34.69 16.59 1.08
C ASP D 40 35.58 16.40 2.32
N GLU D 41 35.28 15.34 3.07
CA GLU D 41 35.89 15.15 4.39
C GLU D 41 36.41 13.74 4.52
N GLY D 42 37.46 13.58 5.31
CA GLY D 42 38.06 12.28 5.56
C GLY D 42 39.23 11.99 4.63
N ARG D 43 39.79 10.80 4.78
CA ARG D 43 41.02 10.43 4.07
C ARG D 43 40.86 10.54 2.57
N SER D 44 41.80 11.21 1.90
CA SER D 44 41.64 11.55 0.48
C SER D 44 41.57 10.32 -0.40
N ASP D 45 42.15 9.22 0.06
CA ASP D 45 42.10 7.94 -0.64
C ASP D 45 41.06 6.98 -0.04
N GLY D 46 40.15 7.50 0.78
CA GLY D 46 39.11 6.65 1.39
C GLY D 46 38.07 6.27 0.37
N GLU D 47 37.35 5.18 0.62
CA GLU D 47 36.20 4.87 -0.22
C GLU D 47 35.18 5.99 -0.09
N VAL D 48 34.64 6.41 -1.22
CA VAL D 48 33.73 7.54 -1.27
C VAL D 48 32.33 7.14 -0.85
N VAL D 49 31.78 7.88 0.10
CA VAL D 49 30.38 7.78 0.46
C VAL D 49 29.75 9.10 0.02
N LEU D 50 28.85 9.05 -0.96
CA LEU D 50 28.21 10.26 -1.49
C LEU D 50 26.85 10.43 -0.83
N LEU D 51 26.69 11.56 -0.14
CA LEU D 51 25.52 11.84 0.68
C LEU D 51 24.64 12.87 -0.02
N LEU D 52 23.47 12.46 -0.49
CA LEU D 52 22.57 13.35 -1.24
C LEU D 52 21.31 13.67 -0.45
N HIS D 53 21.04 14.97 -0.29
CA HIS D 53 19.87 15.46 0.41
C HIS D 53 18.77 15.74 -0.61
N GLY D 54 17.57 16.04 -0.12
CA GLY D 54 16.44 16.41 -0.95
C GLY D 54 15.76 17.71 -0.54
N GLU D 55 14.44 17.72 -0.66
CA GLU D 55 13.60 18.88 -0.46
C GLU D 55 13.20 19.05 1.02
N PRO D 56 13.23 20.29 1.55
CA PRO D 56 13.90 21.52 1.16
C PRO D 56 15.14 21.67 2.06
N SER D 57 15.98 20.66 2.08
CA SER D 57 17.13 20.63 2.97
C SER D 57 18.42 20.98 2.24
N TRP D 58 19.55 20.72 2.86
CA TRP D 58 20.84 20.81 2.24
C TRP D 58 21.84 19.92 3.00
N SER D 59 23.13 20.01 2.67
CA SER D 59 24.13 19.09 3.26
C SER D 59 24.24 19.19 4.77
N TYR D 60 23.76 20.30 5.33
CA TYR D 60 23.61 20.45 6.79
C TYR D 60 22.88 19.25 7.41
N LEU D 61 21.95 18.68 6.66
CA LEU D 61 21.22 17.46 7.09
C LEU D 61 22.11 16.28 7.44
N TYR D 62 23.29 16.20 6.81
CA TYR D 62 24.23 15.08 7.01
C TYR D 62 25.27 15.35 8.09
N ARG D 63 25.10 16.44 8.85
CA ARG D 63 26.18 16.82 9.80
C ARG D 63 26.43 15.81 10.91
N TRP D 64 25.41 15.06 11.31
CA TRP D 64 25.65 14.04 12.35
C TRP D 64 26.27 12.76 11.79
N ILE D 66 28.47 12.65 8.98
CA ILE D 66 29.81 12.84 8.42
C ILE D 66 30.94 12.45 9.39
N PRO D 67 30.88 12.89 10.67
CA PRO D 67 31.99 12.49 11.57
C PRO D 67 32.12 10.98 11.80
N VAL D 68 31.00 10.26 11.80
CA VAL D 68 31.01 8.81 11.96
C VAL D 68 31.71 8.17 10.76
N LEU D 69 31.34 8.62 9.56
CA LEU D 69 31.91 8.09 8.33
C LEU D 69 33.43 8.35 8.27
N VAL D 70 33.82 9.58 8.63
CA VAL D 70 35.20 9.97 8.63
C VAL D 70 36.01 9.18 9.66
N GLU D 71 35.48 9.02 10.86
CA GLU D 71 36.17 8.23 11.90
C GLU D 71 36.37 6.78 11.45
N ALA D 72 35.43 6.25 10.66
CA ALA D 72 35.51 4.89 10.13
C ALA D 72 36.50 4.75 8.98
N GLY D 73 37.11 5.86 8.53
CA GLY D 73 38.11 5.80 7.46
C GLY D 73 37.56 5.97 6.05
N LEU D 74 36.31 6.39 5.97
CA LEU D 74 35.67 6.65 4.67
C LEU D 74 35.80 8.11 4.30
N ARG D 75 35.61 8.40 3.02
CA ARG D 75 35.62 9.76 2.51
C ARG D 75 34.19 10.19 2.26
N ALA D 76 33.73 11.15 3.03
CA ALA D 76 32.35 11.60 2.97
C ALA D 76 32.26 12.82 2.07
N VAL D 77 31.41 12.70 1.05
CA VAL D 77 31.18 13.79 0.12
C VAL D 77 29.68 14.09 0.13
N ALA D 78 29.32 15.34 0.38
CA ALA D 78 27.91 15.76 0.39
C ALA D 78 27.75 16.95 -0.54
N ILE D 79 26.78 16.88 -1.45
CA ILE D 79 26.65 17.89 -2.49
C ILE D 79 25.29 18.56 -2.35
N ASP D 80 25.27 19.88 -2.37
CA ASP D 80 24.01 20.64 -2.34
C ASP D 80 23.41 20.74 -3.75
N LEU D 81 22.15 20.35 -3.87
CA LEU D 81 21.42 20.48 -5.11
C LEU D 81 21.35 21.95 -5.53
N VAL D 82 21.30 22.17 -6.83
CA VAL D 82 21.04 23.49 -7.40
C VAL D 82 19.68 23.95 -6.85
N GLY D 83 19.63 25.18 -6.36
CA GLY D 83 18.46 25.70 -5.66
C GLY D 83 18.49 25.63 -4.15
N PHE D 84 19.53 25.01 -3.60
CA PHE D 84 19.54 24.65 -2.16
C PHE D 84 20.88 24.91 -1.51
N GLY D 85 20.87 25.01 -0.18
CA GLY D 85 22.11 25.08 0.58
C GLY D 85 22.96 26.25 0.14
N ARG D 86 24.22 25.99 -0.14
CA ARG D 86 25.18 27.02 -0.55
C ARG D 86 25.41 26.96 -2.07
N SER D 87 24.62 26.16 -2.78
CA SER D 87 24.66 26.14 -4.24
C SER D 87 23.90 27.32 -4.82
N ASP D 88 24.24 27.67 -6.06
CA ASP D 88 23.55 28.76 -6.76
C ASP D 88 22.08 28.39 -7.01
N LYS D 89 21.26 29.41 -7.19
CA LYS D 89 19.81 29.27 -7.15
C LYS D 89 19.17 30.03 -8.29
N PRO D 90 18.96 29.34 -9.42
CA PRO D 90 18.14 29.88 -10.50
C PRO D 90 16.84 30.49 -9.95
N THR D 91 16.41 31.61 -10.52
CA THR D 91 15.30 32.39 -9.97
C THR D 91 13.92 32.00 -10.50
N SER D 92 13.86 31.26 -11.60
CA SER D 92 12.59 30.89 -12.20
C SER D 92 12.25 29.44 -11.90
N ARG D 93 11.01 29.19 -11.49
CA ARG D 93 10.57 27.81 -11.25
C ARG D 93 10.74 26.94 -12.49
N ASP D 94 10.59 27.53 -13.66
CA ASP D 94 10.74 26.81 -14.92
C ASP D 94 12.17 26.37 -15.23
N ASP D 95 13.16 26.91 -14.52
CA ASP D 95 14.57 26.50 -14.65
C ASP D 95 14.77 25.11 -14.01
N TYR D 96 13.85 24.69 -13.15
CA TYR D 96 14.02 23.42 -12.43
C TYR D 96 13.15 22.34 -13.04
N THR D 97 13.80 21.27 -13.47
CA THR D 97 13.12 20.05 -13.95
C THR D 97 13.83 18.85 -13.37
N TYR D 98 13.19 17.69 -13.43
CA TYR D 98 13.81 16.46 -13.00
C TYR D 98 15.09 16.23 -13.81
N GLN D 99 14.97 16.37 -15.14
CA GLN D 99 16.11 16.20 -16.02
C GLN D 99 17.26 17.13 -15.66
N ALA D 100 16.94 18.40 -15.40
CA ALA D 100 17.99 19.39 -15.10
C ALA D 100 18.74 19.04 -13.84
N HIS D 101 18.02 18.58 -12.82
CA HIS D 101 18.66 18.17 -11.56
C HIS D 101 19.58 16.96 -11.75
N VAL D 102 19.10 16.00 -12.53
CA VAL D 102 19.89 14.82 -12.86
C VAL D 102 21.16 15.23 -13.61
N ASP D 103 21.04 16.13 -14.58
CA ASP D 103 22.21 16.59 -15.35
C ASP D 103 23.18 17.42 -14.49
N TRP D 104 22.64 18.30 -13.64
CA TRP D 104 23.49 19.10 -12.75
C TRP D 104 24.26 18.21 -11.78
N TRP D 106 24.96 14.95 -12.01
CA TRP D 106 25.92 14.12 -12.70
C TRP D 106 27.14 14.95 -13.05
N ALA D 107 26.94 16.17 -13.53
CA ALA D 107 28.08 17.06 -13.83
C ALA D 107 28.95 17.33 -12.62
N ALA D 108 28.32 17.54 -11.46
CA ALA D 108 29.05 17.78 -10.20
C ALA D 108 29.91 16.57 -9.84
N ILE D 109 29.31 15.40 -9.91
CA ILE D 109 30.01 14.15 -9.60
C ILE D 109 31.21 13.98 -10.52
N GLU D 110 31.00 14.20 -11.82
CA GLU D 110 32.07 14.10 -12.80
C GLU D 110 33.18 15.14 -12.59
N GLU D 111 32.81 16.36 -12.25
CA GLU D 111 33.79 17.44 -12.04
C GLU D 111 34.61 17.20 -10.78
N ILE D 112 33.96 16.77 -9.70
CA ILE D 112 34.67 16.44 -8.47
C ILE D 112 35.61 15.24 -8.75
N GLY D 113 35.17 14.33 -9.62
CA GLY D 113 35.96 13.20 -10.04
C GLY D 113 35.78 11.98 -9.17
N LEU D 114 34.56 11.75 -8.73
CA LEU D 114 34.27 10.62 -7.84
C LEU D 114 34.21 9.32 -8.61
N ALA D 115 34.74 8.26 -7.99
CA ALA D 115 34.72 6.92 -8.57
C ALA D 115 34.29 5.89 -7.52
N ASP D 116 33.71 4.77 -7.98
CA ASP D 116 33.38 3.63 -7.12
C ASP D 116 32.62 4.08 -5.86
N VAL D 117 31.51 4.76 -6.10
CA VAL D 117 30.81 5.51 -5.08
C VAL D 117 29.87 4.63 -4.28
N THR D 118 29.80 4.87 -2.97
CA THR D 118 28.71 4.34 -2.13
C THR D 118 27.69 5.46 -1.93
N LEU D 119 26.57 5.35 -2.63
CA LEU D 119 25.53 6.38 -2.56
C LEU D 119 24.67 6.18 -1.33
N VAL D 120 24.44 7.27 -0.60
CA VAL D 120 23.46 7.27 0.47
C VAL D 120 22.47 8.38 0.12
N CYS D 121 21.20 8.01 -0.02
CA CYS D 121 20.25 8.97 -0.56
C CYS D 121 18.91 8.92 0.15
N GLN D 122 18.25 10.07 0.19
CA GLN D 122 17.01 10.28 0.93
C GLN D 122 16.20 11.34 0.21
N ASP D 123 14.87 11.20 0.21
CA ASP D 123 13.97 12.19 -0.43
C ASP D 123 14.43 12.37 -1.90
N TRP D 124 14.41 13.61 -2.39
CA TRP D 124 14.85 13.89 -3.75
C TRP D 124 16.33 13.51 -4.01
N GLY D 125 17.14 13.41 -2.96
CA GLY D 125 18.49 12.89 -3.11
C GLY D 125 18.45 11.53 -3.80
N GLY D 126 17.45 10.72 -3.46
CA GLY D 126 17.27 9.42 -4.08
C GLY D 126 16.48 9.45 -5.38
N LEU D 127 15.47 10.32 -5.51
CA LEU D 127 14.81 10.42 -6.81
C LEU D 127 15.84 10.75 -7.89
N ILE D 128 16.80 11.63 -7.54
CA ILE D 128 17.89 11.97 -8.45
C ILE D 128 18.97 10.87 -8.45
N GLY D 129 19.42 10.50 -7.25
CA GLY D 129 20.52 9.56 -7.13
C GLY D 129 20.23 8.17 -7.69
N LEU D 130 19.04 7.65 -7.41
CA LEU D 130 18.67 6.32 -7.93
C LEU D 130 18.52 6.32 -9.46
N ARG D 131 18.06 7.43 -10.01
CA ARG D 131 18.04 7.56 -11.46
C ARG D 131 19.46 7.54 -12.01
N LEU D 132 20.40 8.22 -11.33
CA LEU D 132 21.80 8.19 -11.73
C LEU D 132 22.42 6.79 -11.62
N VAL D 133 22.01 6.02 -10.62
CA VAL D 133 22.46 4.61 -10.52
C VAL D 133 21.95 3.84 -11.74
N GLY D 134 20.69 4.01 -12.09
CA GLY D 134 20.12 3.38 -13.29
C GLY D 134 20.84 3.77 -14.58
N GLU D 135 21.21 5.04 -14.69
CA GLU D 135 21.82 5.59 -15.90
C GLU D 135 23.34 5.39 -15.98
N HIS D 136 24.00 5.26 -14.84
CA HIS D 136 25.45 5.10 -14.78
C HIS D 136 25.83 4.09 -13.72
N PRO D 137 25.39 2.83 -13.88
CA PRO D 137 25.61 1.87 -12.82
C PRO D 137 27.07 1.60 -12.50
N ASP D 138 27.95 1.75 -13.49
CA ASP D 138 29.37 1.51 -13.28
C ASP D 138 30.03 2.49 -12.31
N ARG D 139 29.41 3.64 -12.08
CA ARG D 139 29.96 4.64 -11.16
C ARG D 139 29.75 4.27 -9.68
N PHE D 140 28.76 3.40 -9.42
CA PHE D 140 28.31 3.11 -8.05
C PHE D 140 28.69 1.73 -7.57
N ALA D 141 29.55 1.67 -6.56
CA ALA D 141 29.98 0.39 -5.99
C ALA D 141 28.90 -0.20 -5.10
N ARG D 142 28.20 0.67 -4.37
CA ARG D 142 27.12 0.28 -3.47
C ARG D 142 26.07 1.37 -3.38
N VAL D 143 24.87 1.01 -2.93
CA VAL D 143 23.80 1.98 -2.74
C VAL D 143 23.08 1.74 -1.41
N VAL D 144 22.84 2.82 -0.68
CA VAL D 144 21.98 2.83 0.52
C VAL D 144 20.80 3.77 0.25
N ALA D 145 19.59 3.22 0.28
CA ALA D 145 18.38 4.00 0.09
C ALA D 145 17.68 4.15 1.42
N ALA D 146 17.37 5.39 1.80
CA ALA D 146 16.70 5.66 3.07
C ALA D 146 15.61 6.70 2.86
N ASN D 147 14.37 6.29 3.03
CA ASN D 147 13.20 7.20 2.89
C ASN D 147 13.25 7.93 1.58
N THR D 148 13.17 7.15 0.53
CA THR D 148 13.21 7.67 -0.81
C THR D 148 12.51 6.70 -1.74
N LEU D 150 11.93 5.89 -6.45
CA LEU D 150 12.13 6.28 -7.83
C LEU D 150 10.79 6.12 -8.54
N PRO D 151 9.91 7.14 -8.44
CA PRO D 151 8.58 7.01 -9.03
C PRO D 151 8.60 7.23 -10.54
N THR D 152 7.82 6.42 -11.24
CA THR D 152 7.71 6.57 -12.68
C THR D 152 6.49 7.37 -13.09
N GLY D 153 5.55 7.54 -12.16
CA GLY D 153 4.25 8.19 -12.46
C GLY D 153 3.16 7.15 -12.65
N ASP D 154 3.54 5.87 -12.61
CA ASP D 154 2.56 4.79 -12.85
C ASP D 154 1.78 4.38 -11.63
N HIS D 155 2.22 4.80 -10.44
CA HIS D 155 1.55 4.46 -9.18
C HIS D 155 1.07 5.75 -8.50
N HIS D 156 -0.03 5.67 -7.78
CA HIS D 156 -0.53 6.82 -6.98
C HIS D 156 0.52 7.10 -5.90
N PRO D 157 0.87 8.38 -5.66
CA PRO D 157 1.99 8.66 -4.73
C PRO D 157 1.60 8.58 -3.26
N GLY D 158 0.30 8.49 -2.98
CA GLY D 158 -0.22 8.36 -1.62
C GLY D 158 -0.71 9.70 -1.10
N GLU D 159 -1.64 9.65 -0.14
CA GLU D 159 -2.24 10.84 0.43
C GLU D 159 -1.21 11.70 1.14
N ALA D 160 -0.21 11.08 1.76
CA ALA D 160 0.74 11.81 2.55
C ALA D 160 1.54 12.73 1.64
N PHE D 161 2.00 12.21 0.51
CA PHE D 161 2.68 13.07 -0.45
C PHE D 161 1.76 14.19 -0.95
N LEU D 162 0.51 13.89 -1.31
CA LEU D 162 -0.39 14.92 -1.85
C LEU D 162 -0.67 16.06 -0.87
N ALA D 163 -0.73 15.74 0.43
CA ALA D 163 -0.91 16.75 1.46
C ALA D 163 0.30 17.69 1.52
N TRP D 164 1.48 17.09 1.47
CA TRP D 164 2.71 17.87 1.43
C TRP D 164 2.73 18.74 0.16
N GLN D 165 2.45 18.13 -0.98
CA GLN D 165 2.49 18.86 -2.24
C GLN D 165 1.60 20.11 -2.19
N LYS D 166 0.35 19.94 -1.73
CA LYS D 166 -0.60 21.04 -1.63
C LYS D 166 -0.08 22.15 -0.70
N PHE D 167 0.41 21.77 0.48
CA PHE D 167 0.97 22.74 1.40
C PHE D 167 2.11 23.52 0.78
N SER D 168 3.00 22.80 0.07
CA SER D 168 4.19 23.44 -0.48
C SER D 168 3.87 24.55 -1.47
N GLN D 169 2.73 24.43 -2.15
CA GLN D 169 2.25 25.40 -3.12
C GLN D 169 1.39 26.49 -2.46
N GLU D 170 0.59 26.12 -1.46
CA GLU D 170 -0.36 27.07 -0.85
C GLU D 170 0.18 27.95 0.25
N VAL D 171 1.21 27.50 0.97
CA VAL D 171 1.66 28.24 2.13
C VAL D 171 2.17 29.62 1.67
N PRO D 172 1.67 30.71 2.29
CA PRO D 172 2.10 32.04 1.84
C PRO D 172 3.61 32.26 1.93
N LEU D 173 4.21 31.89 3.06
CA LEU D 173 5.65 31.99 3.25
C LEU D 173 6.21 30.58 3.43
N PHE D 174 7.23 30.23 2.66
CA PHE D 174 7.77 28.87 2.65
C PHE D 174 8.84 28.79 3.74
N PRO D 175 8.56 28.09 4.86
CA PRO D 175 9.51 28.01 5.97
C PRO D 175 10.30 26.70 5.96
N ALA D 176 11.47 26.73 5.31
CA ALA D 176 12.20 25.49 5.07
C ALA D 176 12.55 24.76 6.38
N GLY D 177 13.01 25.52 7.38
CA GLY D 177 13.41 24.90 8.66
C GLY D 177 12.21 24.26 9.37
N GLN D 178 11.08 24.95 9.38
CA GLN D 178 9.89 24.38 10.00
C GLN D 178 9.34 23.19 9.21
N ILE D 179 9.56 23.16 7.90
CA ILE D 179 9.20 21.98 7.09
C ILE D 179 10.05 20.78 7.51
N VAL D 180 11.36 20.98 7.67
CA VAL D 180 12.25 19.89 8.14
C VAL D 180 11.79 19.42 9.52
N ASN D 181 11.50 20.36 10.42
CA ASN D 181 10.98 20.00 11.72
C ASN D 181 9.68 19.22 11.62
N GLY D 182 8.85 19.62 10.65
CA GLY D 182 7.61 18.94 10.39
C GLY D 182 7.77 17.47 10.06
N GLY D 183 8.89 17.12 9.43
CA GLY D 183 9.17 15.75 9.02
C GLY D 183 10.19 15.03 9.87
N SER D 184 10.42 15.54 11.09
CA SER D 184 11.31 14.93 12.07
C SER D 184 10.51 14.62 13.33
N LEU D 185 10.85 13.53 14.03
CA LEU D 185 10.26 13.26 15.35
C LEU D 185 10.85 14.10 16.46
N SER D 186 12.14 14.41 16.35
CA SER D 186 12.77 15.24 17.36
C SER D 186 12.34 16.68 17.15
N THR D 187 12.40 17.48 18.20
CA THR D 187 12.10 18.90 18.08
C THR D 187 13.41 19.58 17.73
N LEU D 188 13.47 20.14 16.52
CA LEU D 188 14.69 20.81 16.09
C LEU D 188 14.85 22.10 16.87
N SER D 189 16.09 22.41 17.22
CA SER D 189 16.38 23.61 17.97
C SER D 189 16.19 24.83 17.10
N ALA D 190 16.06 25.99 17.74
CA ALA D 190 15.93 27.24 17.04
C ALA D 190 17.12 27.46 16.09
N GLU D 191 18.33 27.11 16.55
CA GLU D 191 19.52 27.23 15.69
C GLU D 191 19.49 26.32 14.48
N THR D 192 18.92 25.11 14.63
CA THR D 192 18.84 24.16 13.54
C THR D 192 17.82 24.65 12.49
N ILE D 193 16.66 25.13 12.97
CA ILE D 193 15.67 25.74 12.06
C ILE D 193 16.30 26.87 11.26
N ALA D 194 17.07 27.71 11.94
CA ALA D 194 17.76 28.83 11.31
C ALA D 194 18.78 28.36 10.27
N ALA D 195 19.45 27.25 10.54
CA ALA D 195 20.40 26.69 9.58
C ALA D 195 19.73 26.24 8.28
N TYR D 196 18.50 25.72 8.38
CA TYR D 196 17.76 25.33 7.20
C TYR D 196 17.12 26.52 6.48
N ASP D 197 16.92 27.63 7.20
CA ASP D 197 16.41 28.86 6.59
C ASP D 197 17.55 29.70 6.00
N ALA D 198 18.78 29.40 6.41
CA ALA D 198 19.95 30.20 6.00
C ALA D 198 20.07 30.34 4.48
N PRO D 199 19.82 29.28 3.70
CA PRO D 199 19.92 29.43 2.25
C PRO D 199 18.93 30.42 1.61
N PHE D 200 17.87 30.78 2.34
CA PHE D 200 16.71 31.50 1.73
C PHE D 200 16.38 32.81 2.44
N PRO D 201 17.19 33.85 2.24
CA PRO D 201 16.90 35.15 2.87
C PRO D 201 15.51 35.69 2.57
N ASP D 202 14.98 35.39 1.39
CA ASP D 202 13.61 35.74 1.07
C ASP D 202 13.11 34.84 -0.08
N ALA D 203 11.87 35.08 -0.50
CA ALA D 203 11.22 34.17 -1.44
C ALA D 203 11.89 34.10 -2.80
N SER D 204 12.66 35.11 -3.14
CA SER D 204 13.34 35.12 -4.45
C SER D 204 14.35 33.99 -4.58
N TYR D 205 14.85 33.48 -3.46
CA TYR D 205 15.82 32.38 -3.40
C TYR D 205 15.17 31.01 -3.37
N GLN D 206 13.84 30.96 -3.39
CA GLN D 206 13.12 29.70 -3.11
C GLN D 206 12.44 29.04 -4.32
N ALA D 207 12.79 29.44 -5.54
CA ALA D 207 12.12 28.88 -6.72
C ALA D 207 12.33 27.36 -6.84
N GLY D 208 13.53 26.88 -6.52
CA GLY D 208 13.80 25.45 -6.54
C GLY D 208 13.04 24.71 -5.45
N ALA D 209 12.96 25.30 -4.27
CA ALA D 209 12.19 24.73 -3.16
C ALA D 209 10.67 24.70 -3.44
N ARG D 210 10.15 25.72 -4.09
CA ARG D 210 8.73 25.71 -4.48
C ARG D 210 8.44 24.71 -5.58
N GLN D 211 9.38 24.54 -6.52
CA GLN D 211 9.10 23.74 -7.71
C GLN D 211 9.23 22.23 -7.45
N PHE D 212 10.09 21.82 -6.52
CA PHE D 212 10.39 20.40 -6.37
C PHE D 212 9.16 19.53 -6.27
N PRO D 213 8.19 19.90 -5.41
CA PRO D 213 7.03 19.00 -5.27
C PRO D 213 6.19 18.82 -6.54
N LEU D 215 7.57 18.47 -9.44
CA LEU D 215 8.38 17.61 -10.30
C LEU D 215 8.26 16.10 -10.00
N VAL D 216 7.61 15.74 -8.90
CA VAL D 216 7.44 14.34 -8.54
C VAL D 216 6.45 13.71 -9.51
N PRO D 217 6.88 12.67 -10.24
CA PRO D 217 5.89 12.07 -11.16
C PRO D 217 4.76 11.38 -10.43
N ILE D 218 3.54 11.85 -10.70
CA ILE D 218 2.32 11.26 -10.13
C ILE D 218 1.28 10.82 -11.16
N SER D 219 1.63 10.91 -12.44
CA SER D 219 0.80 10.43 -13.54
C SER D 219 1.74 10.02 -14.66
N PRO D 220 1.28 9.11 -15.54
CA PRO D 220 2.17 8.60 -16.58
C PRO D 220 2.42 9.55 -17.75
N ASP D 221 1.86 10.76 -17.72
CA ASP D 221 2.19 11.76 -18.72
C ASP D 221 3.28 12.72 -18.22
N ASP D 222 3.91 12.39 -17.08
CA ASP D 222 4.95 13.26 -16.54
C ASP D 222 6.12 13.31 -17.53
N PRO D 223 6.79 14.46 -17.63
CA PRO D 223 7.95 14.51 -18.54
C PRO D 223 9.07 13.53 -18.18
N ALA D 224 9.15 13.15 -16.91
CA ALA D 224 10.18 12.23 -16.42
C ALA D 224 9.78 10.76 -16.54
N THR D 225 8.54 10.49 -16.95
CA THR D 225 8.08 9.10 -16.98
C THR D 225 8.91 8.17 -17.86
N PRO D 226 9.20 8.56 -19.11
CA PRO D 226 10.02 7.64 -19.91
C PRO D 226 11.40 7.35 -19.32
N ALA D 227 12.12 8.39 -18.92
CA ALA D 227 13.47 8.21 -18.39
C ALA D 227 13.42 7.43 -17.10
N ASN D 228 12.42 7.69 -16.25
CA ASN D 228 12.35 7.02 -14.97
C ASN D 228 12.01 5.54 -15.14
N ARG D 229 11.16 5.21 -16.12
CA ARG D 229 10.87 3.80 -16.38
C ARG D 229 12.14 3.08 -16.78
N LYS D 230 12.95 3.72 -17.63
CA LYS D 230 14.19 3.09 -18.09
C LYS D 230 15.16 2.91 -16.94
N ALA D 231 15.28 3.94 -16.11
CA ALA D 231 16.17 3.86 -14.93
C ALA D 231 15.68 2.79 -13.94
N TRP D 232 14.37 2.69 -13.74
CA TRP D 232 13.78 1.69 -12.89
C TRP D 232 14.08 0.26 -13.41
N ALA D 233 13.93 0.07 -14.70
CA ALA D 233 14.29 -1.20 -15.33
C ALA D 233 15.79 -1.50 -15.09
N ALA D 234 16.64 -0.50 -15.24
CA ALA D 234 18.08 -0.70 -15.01
C ALA D 234 18.39 -1.03 -13.55
N LEU D 235 17.71 -0.38 -12.62
CA LEU D 235 17.85 -0.71 -11.21
C LEU D 235 17.43 -2.16 -10.93
N GLY D 236 16.47 -2.69 -11.66
CA GLY D 236 16.07 -4.10 -11.58
C GLY D 236 17.11 -5.08 -12.11
N ARG D 237 18.18 -4.56 -12.70
CA ARG D 237 19.35 -5.38 -13.11
C ARG D 237 20.61 -5.06 -12.29
N PHE D 238 20.50 -4.19 -11.28
CA PHE D 238 21.66 -3.75 -10.51
C PHE D 238 21.98 -4.85 -9.49
N GLU D 239 23.11 -5.52 -9.69
CA GLU D 239 23.51 -6.69 -8.91
C GLU D 239 24.49 -6.37 -7.78
N LYS D 240 25.01 -5.15 -7.75
CA LYS D 240 25.93 -4.73 -6.69
C LYS D 240 25.19 -4.43 -5.40
N PRO D 241 25.92 -4.35 -4.27
CA PRO D 241 25.25 -4.24 -2.98
C PRO D 241 24.28 -3.07 -2.84
N PHE D 242 23.06 -3.37 -2.38
CA PHE D 242 22.01 -2.41 -2.19
C PHE D 242 21.39 -2.62 -0.82
N LEU D 243 21.45 -1.59 0.01
CA LEU D 243 20.88 -1.62 1.37
C LEU D 243 19.66 -0.75 1.48
N SER D 244 18.60 -1.33 2.05
CA SER D 244 17.42 -0.59 2.47
C SER D 244 17.62 -0.21 3.94
N ALA D 245 17.59 1.10 4.20
CA ALA D 245 17.74 1.65 5.55
C ALA D 245 16.72 2.77 5.82
N PHE D 246 15.46 2.45 5.59
CA PHE D 246 14.36 3.40 5.81
C PHE D 246 14.13 3.48 7.34
N SER D 247 13.47 4.55 7.76
CA SER D 247 13.01 4.69 9.13
C SER D 247 11.59 4.17 9.28
N ASP D 248 11.12 4.15 10.52
CA ASP D 248 9.83 3.54 10.84
C ASP D 248 8.66 4.52 10.94
N SER D 249 8.92 5.81 10.81
CA SER D 249 7.89 6.82 11.07
C SER D 249 7.77 7.87 9.97
N ASP D 250 7.83 7.42 8.71
CA ASP D 250 7.71 8.32 7.56
C ASP D 250 6.62 7.87 6.60
N PRO D 251 5.41 8.39 6.76
CA PRO D 251 4.26 8.04 5.90
C PRO D 251 4.45 8.37 4.42
N ILE D 252 5.26 9.36 4.11
CA ILE D 252 5.46 9.76 2.72
C ILE D 252 6.16 8.66 1.91
N THR D 253 7.15 7.98 2.50
CA THR D 253 7.97 7.00 1.77
C THR D 253 7.87 5.57 2.26
N GLY D 254 7.15 5.32 3.35
CA GLY D 254 7.14 3.99 3.95
C GLY D 254 6.69 2.89 3.02
N ALA D 255 5.69 3.18 2.20
CA ALA D 255 5.12 2.17 1.29
C ALA D 255 6.11 1.78 0.17
N ALA D 256 7.03 2.67 -0.11
CA ALA D 256 8.05 2.45 -1.13
C ALA D 256 9.12 1.44 -0.71
N GLU D 257 9.33 1.27 0.59
CA GLU D 257 10.43 0.46 1.08
C GLU D 257 10.44 -0.98 0.51
N PRO D 258 9.31 -1.71 0.61
CA PRO D 258 9.35 -3.10 0.13
C PRO D 258 9.41 -3.20 -1.40
N VAL D 259 8.95 -2.17 -2.08
CA VAL D 259 9.00 -2.14 -3.53
C VAL D 259 10.44 -2.03 -3.98
N LEU D 260 11.16 -1.07 -3.40
CA LEU D 260 12.54 -0.90 -3.73
C LEU D 260 13.40 -2.14 -3.32
N ARG D 261 13.21 -2.63 -2.11
CA ARG D 261 13.98 -3.77 -1.62
C ARG D 261 13.76 -5.03 -2.47
N GLY D 262 12.51 -5.25 -2.87
CA GLY D 262 12.20 -6.38 -3.71
C GLY D 262 12.72 -6.29 -5.14
N HIS D 263 12.84 -5.06 -5.65
CA HIS D 263 13.12 -4.85 -7.06
C HIS D 263 14.58 -5.04 -7.44
N VAL D 264 15.47 -4.64 -6.54
CA VAL D 264 16.89 -4.55 -6.86
C VAL D 264 17.56 -5.89 -6.54
N PRO D 265 18.10 -6.58 -7.57
CA PRO D 265 18.69 -7.91 -7.28
C PRO D 265 19.81 -7.85 -6.26
N GLY D 266 20.61 -6.78 -6.27
CA GLY D 266 21.72 -6.61 -5.32
C GLY D 266 21.28 -6.41 -3.88
N ALA D 267 19.97 -6.23 -3.65
CA ALA D 267 19.43 -6.19 -2.29
C ALA D 267 19.25 -7.59 -1.71
N ARG D 268 19.16 -8.61 -2.55
CA ARG D 268 18.67 -9.93 -2.14
C ARG D 268 19.53 -10.53 -1.04
N GLY D 269 20.85 -10.42 -1.19
CA GLY D 269 21.78 -10.98 -0.23
C GLY D 269 22.20 -10.10 0.93
N GLN D 270 21.58 -8.93 1.08
CA GLN D 270 21.96 -7.94 2.09
C GLN D 270 21.08 -7.95 3.33
N SER D 271 21.67 -7.59 4.46
CA SER D 271 20.97 -7.46 5.73
C SER D 271 20.40 -6.08 5.95
N HIS D 272 19.17 -5.87 5.48
CA HIS D 272 18.50 -4.57 5.57
C HIS D 272 18.15 -4.22 7.00
N VAL D 273 18.01 -2.92 7.25
CA VAL D 273 17.72 -2.40 8.57
C VAL D 273 16.53 -1.45 8.54
N THR D 274 15.85 -1.32 9.67
CA THR D 274 14.87 -0.26 9.85
C THR D 274 15.43 0.65 10.92
N ILE D 275 15.57 1.92 10.61
CA ILE D 275 16.05 2.90 11.59
C ILE D 275 14.88 3.30 12.50
N ALA D 276 14.93 2.82 13.74
CA ALA D 276 13.83 3.00 14.69
C ALA D 276 13.82 4.41 15.25
N GLY D 277 12.61 4.93 15.47
CA GLY D 277 12.45 6.24 16.12
C GLY D 277 12.90 7.41 15.29
N ALA D 278 12.64 7.35 13.99
CA ALA D 278 13.00 8.43 13.10
C ALA D 278 11.94 8.70 12.05
N GLY D 279 11.74 9.99 11.76
CA GLY D 279 10.76 10.42 10.78
C GLY D 279 11.36 10.49 9.38
N HIS D 280 10.73 11.28 8.53
CA HIS D 280 11.17 11.42 7.15
C HIS D 280 12.62 11.86 7.04
N PHE D 281 12.97 12.91 7.81
CA PHE D 281 14.34 13.42 7.84
C PHE D 281 15.14 12.63 8.87
N LEU D 282 15.34 11.34 8.58
CA LEU D 282 15.90 10.42 9.56
C LEU D 282 17.32 10.76 9.97
N GLN D 283 18.02 11.51 9.13
CA GLN D 283 19.37 11.97 9.46
C GLN D 283 19.37 12.97 10.64
N GLU D 284 18.26 13.67 10.85
CA GLU D 284 18.11 14.55 12.03
C GLU D 284 17.84 13.79 13.30
N ASP D 285 17.01 12.76 13.20
CA ASP D 285 16.57 12.03 14.36
C ASP D 285 17.60 10.98 14.80
N LYS D 286 18.20 10.27 13.83
CA LYS D 286 19.02 9.08 14.12
C LYS D 286 20.23 9.00 13.18
N GLY D 287 20.88 10.15 12.98
CA GLY D 287 21.97 10.25 12.02
C GLY D 287 23.13 9.31 12.33
N ARG D 288 23.53 9.27 13.60
CA ARG D 288 24.61 8.37 14.00
C ARG D 288 24.27 6.93 13.72
N GLU D 289 23.03 6.54 14.02
CA GLU D 289 22.60 5.18 13.81
C GLU D 289 22.63 4.84 12.32
N LEU D 290 22.14 5.74 11.47
CA LEU D 290 22.17 5.49 10.04
C LEU D 290 23.62 5.41 9.53
N ALA D 291 24.48 6.30 10.01
CA ALA D 291 25.89 6.27 9.61
C ALA D 291 26.58 4.96 10.03
N GLU D 292 26.28 4.49 11.24
CA GLU D 292 26.80 3.20 11.66
C GLU D 292 26.32 2.07 10.76
N ALA D 293 25.06 2.11 10.32
CA ALA D 293 24.53 1.10 9.41
C ALA D 293 25.28 1.13 8.08
N VAL D 294 25.60 2.33 7.60
CA VAL D 294 26.36 2.46 6.37
C VAL D 294 27.76 1.83 6.53
N VAL D 295 28.42 2.11 7.65
CA VAL D 295 29.77 1.59 7.90
C VAL D 295 29.70 0.06 7.90
N THR D 296 28.75 -0.49 8.65
CA THR D 296 28.58 -1.97 8.74
C THR D 296 28.39 -2.61 7.36
N PHE D 297 27.55 -1.97 6.55
CA PHE D 297 27.29 -2.38 5.17
C PHE D 297 28.50 -2.30 4.25
N VAL D 298 29.29 -1.23 4.37
CA VAL D 298 30.52 -1.11 3.60
C VAL D 298 31.47 -2.24 4.01
N ARG D 299 31.63 -2.47 5.31
CA ARG D 299 32.57 -3.48 5.80
C ARG D 299 32.15 -4.89 5.41
N ALA D 300 30.85 -5.13 5.33
CA ALA D 300 30.31 -6.42 4.92
C ALA D 300 30.42 -6.68 3.42
N ASN D 301 30.71 -5.65 2.64
CA ASN D 301 30.83 -5.74 1.19
C ASN D 301 32.15 -5.13 0.68
N PRO D 302 33.28 -5.76 1.03
CA PRO D 302 34.57 -5.18 0.68
C PRO D 302 34.77 -4.99 -0.82
N ARG D 303 35.50 -3.94 -1.20
CA ARG D 303 35.85 -3.67 -2.60
C ARG D 303 36.99 -4.65 -2.96
#